data_8XIR
#
_entry.id   8XIR
#
loop_
_entity.id
_entity.type
_entity.pdbx_description
1 polymer 'Somatostatin receptor type 3'
2 polymer 'G-alpha i'
3 polymer 'Guanine nucleotide-binding protein G(I)/G(S)/G(T) subunit beta-1'
4 polymer 'nanobody Nb35'
5 polymer 'Guanine nucleotide-binding protein G(I)/G(S)/G(O) subunit gamma-2'
6 polymer Pasireotide
7 water water
#
loop_
_entity_poly.entity_id
_entity_poly.type
_entity_poly.pdbx_seq_one_letter_code
_entity_poly.pdbx_strand_id
1 'polypeptide(L)'
;MDMLHPSSVSTTSEPENASSAWPPDATLGNVSAGPSPAGLAVSGVLIPLVYLVVCVVGLLGNSLVIYVVLRHTASPSVTN
VYILNLALADELFMLGLPFLAAQNALSYWPFGSLMCRLVMAVDGINQFTSIFCLTVMSVDRYLAVVHPTRSARWRTAPVA
RTVSAAVWVASAVVVLPVVVFSGVPRGMSTCHMQWPEPAAAWRAGFIIYTAALGFFGPLLVICLCYLLIVVKVRSAGRRV
WAPSCQRRRRSERRVTRMVVAYVALFVLCWMPFYVLNIVNVVCPLPEEPAFFGLYFLVVALPYANSCANPILYGFLSYRF
KQGFRRVLLRPSRRVRSQEPTVGPPEKTEEEDEEEEDGEESREGGKGKEMNGRVSQITQPGTSGQERPPSRVASKEQQLL
PQEASTGEKSSTMRISYL
;
A
2 'polypeptide(L)'
;MGCTLSAEDKAAVERSKMIEKQLQKDKQVYRATHRLLLLGADNSGKSTIVKQMRIYHVNGYSEEECKQYKAVVYSNTIQS
IIAIIRAMGRLKIDFGDSARADDARQLFVLAGAAEEGFMTAELAGVIKRLWKDSGVQACFNRSREYQLNDSAAYYLNDLD
RIAQPNYIPTQQDVLRTRVKTSGIFETKFQVDKVNFHMFDVGAQRDERRKWIQCFNDVTAIIFVVDSSDYNRLQEALNDF
KSIWNNRWLRTISVILFLNKQDLLAEKVLAGKSKIEDYFPEFARYTTPEDATPEPGEDPRVTRAKYFIRDEFLRISTASG
DGRHYCYPHFTCSVDTENARRIFNDVTDIIIKMNLRDCGLF
;
B
3 'polypeptide(L)'
;MHHHHHHGSLLQSELDQLRQEAEQLKNQIRDARKACADATLSQITNNIDPVGRIQMRTRRTLRGHLAKIYAMHWGTDSRL
LVSASQDGKLIIWDSYTTNKVHAIPLRSSWVMTCAYAPSGNYVACGGLDNICSIYNLKTREGNVRVSRELAGHTGYLSCC
RFLDDNQIVTSSGDTTCALWDIETGQQTTTFTGHTGDVMSLSLAPDTRLFVSGACDASAKLWDVREGMCRQTFTGHESDI
NAICFFPNGNAFATGSDDATCRLFDLRADQELMTYSHDNIICGITSVSFSKSGRLLLAGYDDFNCNVWDALKADRAGVLA
GHDNRVSCLGVTDDGMAVATGSWDSFLKIWNGSSGGGGSGGGGSSGVSGWRLFKKIS
;
C
4 'polypeptide(L)'
;MKYLLPTAAAGLLLLAAQPAMAQVQLQESGGGLVQPGGSLRLSCAASGFTFSNYKMNWVRQAPGKGLEWVSDISQSGASI
SYTGSVKGRFTISRDNAKNTLYLQMNSLKPEDTAVYYCARCPAPFTRDCFDVTSTTYAYRGQGTQVTVSSHHHHHH
;
D
5 'polypeptide(L)' MASNNTASIAQARKLVEQLKMEANIDRIKVSKAAADLMAYCEAHAKEDPLLTPVPASENPFREKKFFCAIL G
6 'polypeptide(L)' (004)(DTR)K(TY5)F(A1D5E) F
#
# COMPACT_ATOMS: atom_id res chain seq x y z
N LEU A 40 -37.07 33.58 -37.54
CA LEU A 40 -36.03 33.97 -38.53
C LEU A 40 -34.79 34.53 -37.84
N ALA A 41 -34.93 35.70 -37.23
CA ALA A 41 -33.79 36.36 -36.61
C ALA A 41 -33.56 35.87 -35.19
N VAL A 42 -34.62 35.79 -34.40
CA VAL A 42 -34.48 35.34 -33.01
C VAL A 42 -33.88 33.94 -32.96
N SER A 43 -34.16 33.12 -33.97
CA SER A 43 -33.53 31.81 -34.05
C SER A 43 -32.02 31.95 -34.20
N GLY A 44 -31.58 32.67 -35.23
CA GLY A 44 -30.15 32.92 -35.39
C GLY A 44 -29.52 33.63 -34.21
N VAL A 45 -30.35 34.20 -33.33
CA VAL A 45 -29.84 34.87 -32.13
C VAL A 45 -29.62 33.88 -30.99
N LEU A 46 -30.60 33.00 -30.74
CA LEU A 46 -30.53 32.12 -29.58
C LEU A 46 -29.90 30.76 -29.89
N ILE A 47 -30.27 30.13 -31.00
CA ILE A 47 -29.86 28.77 -31.30
C ILE A 47 -28.34 28.69 -31.42
N PRO A 48 -27.69 29.55 -32.21
CA PRO A 48 -26.22 29.45 -32.30
C PRO A 48 -25.54 29.67 -30.96
N LEU A 49 -26.06 30.58 -30.14
CA LEU A 49 -25.47 30.82 -28.82
C LEU A 49 -25.48 29.56 -27.98
N VAL A 50 -26.64 28.91 -27.87
CA VAL A 50 -26.75 27.71 -27.05
C VAL A 50 -25.92 26.58 -27.65
N TYR A 51 -25.89 26.49 -28.99
CA TYR A 51 -25.07 25.47 -29.63
C TYR A 51 -23.60 25.63 -29.26
N LEU A 52 -23.09 26.85 -29.39
CA LEU A 52 -21.68 27.09 -29.11
C LEU A 52 -21.36 26.91 -27.62
N VAL A 53 -22.29 27.33 -26.75
CA VAL A 53 -22.03 27.17 -25.32
C VAL A 53 -22.05 25.69 -24.93
N VAL A 54 -22.94 24.91 -25.54
CA VAL A 54 -22.94 23.47 -25.32
C VAL A 54 -21.63 22.87 -25.79
N CYS A 55 -21.16 23.28 -26.96
CA CYS A 55 -19.91 22.74 -27.48
C CYS A 55 -18.75 23.07 -26.55
N VAL A 56 -18.68 24.31 -26.06
CA VAL A 56 -17.54 24.71 -25.25
C VAL A 56 -17.59 24.07 -23.86
N VAL A 57 -18.78 23.82 -23.31
CA VAL A 57 -18.85 23.11 -22.05
C VAL A 57 -18.48 21.64 -22.24
N GLY A 58 -18.92 21.03 -23.35
CA GLY A 58 -18.46 19.69 -23.66
C GLY A 58 -16.95 19.61 -23.78
N LEU A 59 -16.35 20.63 -24.40
CA LEU A 59 -14.88 20.64 -24.51
C LEU A 59 -14.24 20.88 -23.16
N LEU A 60 -14.85 21.70 -22.32
CA LEU A 60 -14.45 21.80 -20.91
C LEU A 60 -14.27 20.41 -20.33
N GLY A 61 -15.37 19.65 -20.31
CA GLY A 61 -15.33 18.32 -19.71
C GLY A 61 -14.31 17.41 -20.36
N ASN A 62 -14.31 17.38 -21.69
CA ASN A 62 -13.43 16.46 -22.42
C ASN A 62 -11.96 16.77 -22.15
N SER A 63 -11.58 18.05 -22.27
CA SER A 63 -10.19 18.42 -22.06
C SER A 63 -9.77 18.18 -20.62
N LEU A 64 -10.61 18.54 -19.65
CA LEU A 64 -10.26 18.29 -18.25
C LEU A 64 -10.01 16.80 -18.02
N VAL A 65 -10.94 15.96 -18.47
CA VAL A 65 -10.81 14.52 -18.25
C VAL A 65 -9.57 13.98 -18.95
N ILE A 66 -9.38 14.36 -20.22
CA ILE A 66 -8.27 13.81 -21.00
C ILE A 66 -6.94 14.23 -20.41
N TYR A 67 -6.84 15.47 -19.93
CA TYR A 67 -5.61 15.92 -19.30
C TYR A 67 -5.35 15.12 -18.03
N VAL A 68 -6.32 15.09 -17.11
CA VAL A 68 -6.12 14.40 -15.84
C VAL A 68 -5.83 12.92 -16.09
N VAL A 69 -6.26 12.37 -17.21
CA VAL A 69 -6.01 10.96 -17.51
C VAL A 69 -4.61 10.78 -18.07
N LEU A 70 -4.32 11.41 -19.21
CA LEU A 70 -3.06 11.18 -19.90
C LEU A 70 -1.87 11.59 -19.04
N ARG A 71 -2.03 12.64 -18.22
CA ARG A 71 -0.90 13.15 -17.46
C ARG A 71 -0.67 12.35 -16.18
N HIS A 72 -1.66 12.31 -15.30
CA HIS A 72 -1.47 11.75 -13.96
C HIS A 72 -1.97 10.30 -13.86
N THR A 73 -3.25 10.07 -14.16
CA THR A 73 -3.84 8.73 -14.07
C THR A 73 -3.70 8.06 -15.43
N ALA A 74 -2.52 7.49 -15.66
CA ALA A 74 -2.12 6.98 -16.98
C ALA A 74 -2.16 5.46 -16.96
N SER A 75 -3.21 4.88 -17.55
CA SER A 75 -3.29 3.46 -17.86
C SER A 75 -3.05 2.57 -16.65
N PRO A 76 -3.94 2.57 -15.64
CA PRO A 76 -3.85 1.56 -14.59
C PRO A 76 -4.69 0.32 -14.84
N SER A 77 -5.66 0.38 -15.76
CA SER A 77 -6.55 -0.74 -16.03
C SER A 77 -7.47 -0.35 -17.18
N VAL A 78 -8.35 -1.28 -17.56
CA VAL A 78 -9.27 -1.06 -18.67
C VAL A 78 -10.17 0.15 -18.42
N THR A 79 -10.40 0.50 -17.15
CA THR A 79 -11.36 1.55 -16.83
C THR A 79 -10.93 2.89 -17.42
N ASN A 80 -9.70 3.30 -17.14
CA ASN A 80 -9.22 4.58 -17.67
C ASN A 80 -9.17 4.56 -19.19
N VAL A 81 -8.82 3.41 -19.78
CA VAL A 81 -8.81 3.30 -21.23
C VAL A 81 -10.18 3.61 -21.80
N TYR A 82 -11.21 2.92 -21.30
CA TYR A 82 -12.56 3.17 -21.79
C TYR A 82 -13.00 4.61 -21.53
N ILE A 83 -12.62 5.16 -20.38
CA ILE A 83 -13.06 6.51 -20.02
C ILE A 83 -12.46 7.53 -20.99
N LEU A 84 -11.15 7.43 -21.23
CA LEU A 84 -10.52 8.40 -22.13
C LEU A 84 -10.92 8.14 -23.57
N ASN A 85 -11.31 6.92 -23.93
CA ASN A 85 -11.85 6.68 -25.26
C ASN A 85 -13.17 7.40 -25.44
N LEU A 86 -14.07 7.27 -24.45
CA LEU A 86 -15.32 8.03 -24.49
C LEU A 86 -15.04 9.53 -24.54
N ALA A 87 -14.05 9.99 -23.78
CA ALA A 87 -13.71 11.41 -23.80
C ALA A 87 -13.23 11.85 -25.17
N LEU A 88 -12.42 11.02 -25.83
CA LEU A 88 -11.95 11.34 -27.17
C LEU A 88 -13.11 11.42 -28.15
N ALA A 89 -14.02 10.44 -28.10
CA ALA A 89 -15.19 10.47 -28.97
C ALA A 89 -16.00 11.74 -28.76
N ASP A 90 -16.24 12.09 -27.50
CA ASP A 90 -17.02 13.28 -27.19
C ASP A 90 -16.31 14.55 -27.65
N GLU A 91 -14.98 14.60 -27.50
CA GLU A 91 -14.23 15.77 -27.94
C GLU A 91 -14.28 15.91 -29.45
N LEU A 92 -14.18 14.79 -30.17
CA LEU A 92 -14.32 14.84 -31.62
C LEU A 92 -15.71 15.33 -32.01
N PHE A 93 -16.74 14.86 -31.31
CA PHE A 93 -18.09 15.36 -31.56
C PHE A 93 -18.16 16.87 -31.35
N MET A 94 -17.54 17.36 -30.27
CA MET A 94 -17.56 18.79 -30.00
C MET A 94 -16.84 19.58 -31.09
N LEU A 95 -15.68 19.11 -31.53
CA LEU A 95 -14.96 19.80 -32.60
C LEU A 95 -15.71 19.75 -33.92
N GLY A 96 -16.54 18.72 -34.12
CA GLY A 96 -17.38 18.68 -35.31
C GLY A 96 -18.59 19.59 -35.21
N LEU A 97 -19.05 19.85 -33.99
CA LEU A 97 -20.21 20.72 -33.80
C LEU A 97 -20.10 22.06 -34.51
N PRO A 98 -19.04 22.86 -34.33
CA PRO A 98 -19.04 24.22 -34.90
C PRO A 98 -19.41 24.28 -36.36
N PHE A 99 -19.08 23.25 -37.15
CA PHE A 99 -19.46 23.25 -38.56
C PHE A 99 -20.96 23.40 -38.72
N LEU A 100 -21.74 22.49 -38.13
CA LEU A 100 -23.19 22.58 -38.23
C LEU A 100 -23.72 23.80 -37.48
N ALA A 101 -23.06 24.20 -36.38
CA ALA A 101 -23.51 25.37 -35.65
C ALA A 101 -23.48 26.61 -36.54
N ALA A 102 -22.43 26.76 -37.34
CA ALA A 102 -22.34 27.89 -38.25
C ALA A 102 -23.21 27.70 -39.49
N GLN A 103 -23.37 26.45 -39.94
CA GLN A 103 -24.23 26.21 -41.10
C GLN A 103 -25.68 26.55 -40.80
N ASN A 104 -26.14 26.29 -39.57
CA ASN A 104 -27.51 26.61 -39.20
C ASN A 104 -27.81 28.10 -39.32
N ALA A 105 -26.79 28.94 -39.21
CA ALA A 105 -26.97 30.38 -39.33
C ALA A 105 -26.64 30.91 -40.72
N LEU A 106 -25.74 30.25 -41.44
CA LEU A 106 -25.39 30.68 -42.79
C LEU A 106 -26.27 30.04 -43.86
N SER A 107 -26.80 28.84 -43.60
CA SER A 107 -27.68 28.11 -44.50
C SER A 107 -27.02 27.75 -45.81
N TYR A 108 -25.68 27.79 -45.89
CA TYR A 108 -24.96 27.40 -47.09
C TYR A 108 -23.62 26.81 -46.68
N TRP A 109 -23.19 25.79 -47.43
CA TRP A 109 -21.92 25.11 -47.20
C TRP A 109 -20.96 25.46 -48.34
N PRO A 110 -20.26 26.59 -48.27
CA PRO A 110 -19.33 26.96 -49.35
C PRO A 110 -18.02 26.19 -49.33
N PHE A 111 -17.77 25.37 -48.31
CA PHE A 111 -16.51 24.64 -48.23
C PHE A 111 -16.42 23.53 -49.28
N GLY A 112 -17.53 23.14 -49.90
CA GLY A 112 -17.53 22.11 -50.91
C GLY A 112 -17.92 20.75 -50.36
N SER A 113 -18.04 19.79 -51.27
CA SER A 113 -18.42 18.44 -50.88
C SER A 113 -17.41 17.78 -49.95
N LEU A 114 -16.13 18.16 -50.04
CA LEU A 114 -15.09 17.47 -49.28
C LEU A 114 -15.42 17.48 -47.79
N MET A 115 -15.42 18.66 -47.20
CA MET A 115 -15.67 18.78 -45.77
C MET A 115 -17.12 18.49 -45.41
N CYS A 116 -18.07 18.79 -46.30
CA CYS A 116 -19.46 18.43 -46.05
C CYS A 116 -19.58 16.94 -45.74
N ARG A 117 -19.15 16.10 -46.68
CA ARG A 117 -19.25 14.66 -46.48
C ARG A 117 -18.34 14.18 -45.35
N LEU A 118 -17.13 14.76 -45.26
CA LEU A 118 -16.22 14.34 -44.20
C LEU A 118 -16.85 14.54 -42.82
N VAL A 119 -17.42 15.72 -42.56
CA VAL A 119 -18.02 15.98 -41.27
C VAL A 119 -19.35 15.25 -41.09
N MET A 120 -20.13 15.07 -42.16
CA MET A 120 -21.35 14.28 -42.07
C MET A 120 -21.09 12.84 -41.67
N ALA A 121 -19.92 12.30 -42.05
CA ALA A 121 -19.52 10.98 -41.57
C ALA A 121 -18.87 11.02 -40.20
N VAL A 122 -18.05 12.03 -39.93
CA VAL A 122 -17.34 12.13 -38.66
C VAL A 122 -18.31 12.30 -37.50
N ASP A 123 -19.33 13.14 -37.65
CA ASP A 123 -20.30 13.33 -36.57
C ASP A 123 -20.99 12.02 -36.24
N GLY A 124 -21.42 11.26 -37.26
CA GLY A 124 -22.10 10.01 -37.00
C GLY A 124 -21.20 8.99 -36.33
N ILE A 125 -19.97 8.85 -36.83
CA ILE A 125 -19.06 7.86 -36.24
C ILE A 125 -18.72 8.26 -34.81
N ASN A 126 -18.59 9.57 -34.54
CA ASN A 126 -18.31 10.00 -33.18
C ASN A 126 -19.48 9.72 -32.25
N GLN A 127 -20.70 9.99 -32.72
CA GLN A 127 -21.88 9.67 -31.92
C GLN A 127 -21.92 8.19 -31.57
N PHE A 128 -21.80 7.33 -32.59
CA PHE A 128 -21.91 5.90 -32.35
C PHE A 128 -20.75 5.39 -31.50
N THR A 129 -19.56 5.97 -31.63
CA THR A 129 -18.44 5.57 -30.80
C THR A 129 -18.66 5.97 -29.35
N SER A 130 -19.16 7.19 -29.13
CA SER A 130 -19.46 7.62 -27.76
C SER A 130 -20.53 6.74 -27.12
N ILE A 131 -21.50 6.28 -27.92
CA ILE A 131 -22.54 5.40 -27.36
C ILE A 131 -21.97 4.02 -27.06
N PHE A 132 -21.20 3.46 -28.00
CA PHE A 132 -20.62 2.14 -27.79
C PHE A 132 -19.61 2.14 -26.64
N CYS A 133 -18.99 3.29 -26.37
CA CYS A 133 -18.08 3.37 -25.23
C CYS A 133 -18.84 3.21 -23.93
N LEU A 134 -19.98 3.89 -23.79
CA LEU A 134 -20.82 3.69 -22.61
C LEU A 134 -21.31 2.25 -22.53
N THR A 135 -21.69 1.67 -23.66
CA THR A 135 -22.12 0.27 -23.66
C THR A 135 -21.03 -0.65 -23.15
N VAL A 136 -19.80 -0.46 -23.65
CA VAL A 136 -18.70 -1.32 -23.26
C VAL A 136 -18.35 -1.10 -21.79
N MET A 137 -18.45 0.15 -21.32
CA MET A 137 -18.20 0.43 -19.91
C MET A 137 -19.21 -0.33 -19.04
N SER A 138 -20.48 -0.27 -19.41
CA SER A 138 -21.51 -1.00 -18.66
C SER A 138 -21.23 -2.50 -18.66
N VAL A 139 -20.87 -3.04 -19.83
CA VAL A 139 -20.62 -4.48 -19.93
C VAL A 139 -19.43 -4.87 -19.07
N ASP A 140 -18.38 -4.06 -19.09
CA ASP A 140 -17.18 -4.35 -18.31
C ASP A 140 -17.48 -4.29 -16.82
N ARG A 141 -18.24 -3.29 -16.39
CA ARG A 141 -18.62 -3.20 -14.98
C ARG A 141 -19.46 -4.39 -14.56
N TYR A 142 -20.38 -4.82 -15.43
CA TYR A 142 -21.17 -6.01 -15.13
C TYR A 142 -20.29 -7.23 -14.96
N LEU A 143 -19.37 -7.46 -15.91
CA LEU A 143 -18.48 -8.61 -15.81
C LEU A 143 -17.61 -8.53 -14.56
N ALA A 144 -17.19 -7.33 -14.19
CA ALA A 144 -16.33 -7.17 -13.02
C ALA A 144 -17.08 -7.46 -11.73
N VAL A 145 -18.34 -7.00 -11.65
CA VAL A 145 -19.08 -7.16 -10.40
C VAL A 145 -19.69 -8.56 -10.28
N VAL A 146 -19.93 -9.23 -11.40
CA VAL A 146 -20.62 -10.51 -11.39
C VAL A 146 -19.66 -11.68 -11.59
N HIS A 147 -18.75 -11.59 -12.51
CA HIS A 147 -17.86 -12.64 -12.78
C HIS A 147 -16.51 -12.22 -12.32
N PRO A 148 -16.33 -12.00 -11.02
CA PRO A 148 -15.00 -11.62 -10.62
C PRO A 148 -13.85 -12.47 -11.19
N THR A 149 -14.08 -13.75 -11.46
CA THR A 149 -13.06 -14.63 -11.98
C THR A 149 -12.68 -14.39 -13.41
N ARG A 150 -13.64 -14.40 -14.31
CA ARG A 150 -13.37 -14.23 -15.72
C ARG A 150 -12.90 -12.81 -15.95
N SER A 151 -13.28 -11.89 -15.11
CA SER A 151 -12.88 -10.52 -15.13
C SER A 151 -11.39 -10.53 -15.17
N ALA A 152 -10.75 -10.98 -14.10
CA ALA A 152 -9.30 -10.96 -14.02
C ALA A 152 -8.66 -11.67 -15.21
N ARG A 153 -9.46 -12.53 -15.73
CA ARG A 153 -8.89 -13.28 -16.84
C ARG A 153 -8.91 -12.47 -18.14
N TRP A 154 -9.93 -11.62 -18.33
CA TRP A 154 -10.11 -10.91 -19.59
C TRP A 154 -9.75 -9.43 -19.51
N ARG A 155 -9.74 -8.84 -18.32
CA ARG A 155 -9.50 -7.41 -18.16
C ARG A 155 -8.00 -7.15 -18.20
N THR A 156 -7.51 -6.66 -19.32
CA THR A 156 -6.11 -6.32 -19.48
C THR A 156 -6.00 -5.12 -20.42
N ALA A 157 -4.82 -4.51 -20.43
CA ALA A 157 -4.59 -3.31 -21.23
C ALA A 157 -4.57 -3.63 -22.73
N PRO A 158 -3.90 -4.70 -23.16
CA PRO A 158 -3.98 -5.06 -24.59
C PRO A 158 -5.41 -5.33 -25.03
N VAL A 159 -6.16 -6.11 -24.25
CA VAL A 159 -7.56 -6.34 -24.56
C VAL A 159 -8.34 -5.03 -24.54
N ALA A 160 -7.96 -4.10 -23.66
CA ALA A 160 -8.64 -2.80 -23.61
C ALA A 160 -8.45 -2.04 -24.93
N ARG A 161 -7.21 -1.92 -25.39
CA ARG A 161 -6.97 -1.23 -26.65
C ARG A 161 -7.63 -1.96 -27.81
N THR A 162 -7.64 -3.29 -27.77
CA THR A 162 -8.27 -4.06 -28.84
C THR A 162 -9.77 -3.78 -28.89
N VAL A 163 -10.44 -3.80 -27.74
CA VAL A 163 -11.88 -3.54 -27.74
C VAL A 163 -12.16 -2.09 -28.09
N SER A 164 -11.25 -1.17 -27.76
CA SER A 164 -11.42 0.22 -28.17
C SER A 164 -11.40 0.34 -29.68
N ALA A 165 -10.39 -0.25 -30.32
CA ALA A 165 -10.33 -0.24 -31.78
C ALA A 165 -11.55 -0.94 -32.38
N ALA A 166 -12.01 -2.02 -31.75
CA ALA A 166 -13.19 -2.71 -32.24
C ALA A 166 -14.42 -1.81 -32.15
N VAL A 167 -14.55 -1.04 -31.07
CA VAL A 167 -15.67 -0.12 -30.94
C VAL A 167 -15.59 0.96 -32.01
N TRP A 168 -14.40 1.46 -32.29
CA TRP A 168 -14.25 2.47 -33.34
C TRP A 168 -14.70 1.91 -34.69
N VAL A 169 -14.16 0.75 -35.08
CA VAL A 169 -14.51 0.19 -36.37
C VAL A 169 -15.98 -0.22 -36.42
N ALA A 170 -16.57 -0.56 -35.27
CA ALA A 170 -17.99 -0.90 -35.24
C ALA A 170 -18.85 0.35 -35.44
N SER A 171 -18.47 1.46 -34.80
CA SER A 171 -19.14 2.72 -35.08
C SER A 171 -19.05 3.07 -36.56
N ALA A 172 -17.88 2.84 -37.17
CA ALA A 172 -17.74 3.09 -38.59
C ALA A 172 -18.67 2.22 -39.41
N VAL A 173 -18.70 0.92 -39.13
CA VAL A 173 -19.51 -0.01 -39.92
C VAL A 173 -20.99 0.18 -39.68
N VAL A 174 -21.39 0.77 -38.55
CA VAL A 174 -22.81 1.00 -38.31
C VAL A 174 -23.24 2.35 -38.88
N VAL A 175 -22.32 3.31 -38.96
CA VAL A 175 -22.64 4.56 -39.65
C VAL A 175 -22.44 4.47 -41.16
N LEU A 176 -21.93 3.34 -41.64
CA LEU A 176 -21.87 3.08 -43.09
C LEU A 176 -23.04 3.66 -43.87
N PRO A 177 -24.30 3.47 -43.48
CA PRO A 177 -25.40 4.11 -44.21
C PRO A 177 -25.31 5.63 -44.20
N VAL A 178 -24.85 6.21 -43.10
CA VAL A 178 -24.77 7.67 -43.00
C VAL A 178 -23.74 8.21 -43.99
N VAL A 179 -22.65 7.48 -44.21
CA VAL A 179 -21.58 7.97 -45.06
C VAL A 179 -21.81 7.61 -46.53
N VAL A 180 -22.47 6.48 -46.82
CA VAL A 180 -22.70 6.12 -48.21
C VAL A 180 -23.82 6.98 -48.81
N PHE A 181 -24.80 7.38 -48.00
CA PHE A 181 -25.85 8.27 -48.47
C PHE A 181 -25.45 9.74 -48.41
N SER A 182 -24.25 10.05 -47.92
CA SER A 182 -23.84 11.44 -47.77
C SER A 182 -23.54 12.06 -49.13
N GLY A 183 -24.23 13.15 -49.45
CA GLY A 183 -23.94 13.90 -50.66
C GLY A 183 -24.59 15.27 -50.65
N VAL A 184 -23.79 16.30 -50.95
CA VAL A 184 -24.30 17.67 -51.01
C VAL A 184 -24.98 17.95 -52.34
N PRO A 185 -24.53 17.40 -53.49
CA PRO A 185 -25.17 17.78 -54.75
C PRO A 185 -26.67 17.52 -54.79
N ARG A 186 -27.14 16.51 -54.05
CA ARG A 186 -28.57 16.18 -54.02
C ARG A 186 -29.28 17.16 -53.09
N GLY A 187 -29.33 18.41 -53.55
CA GLY A 187 -29.88 19.50 -52.79
C GLY A 187 -29.24 20.81 -53.21
N MET A 188 -29.93 21.92 -52.98
CA MET A 188 -29.43 23.20 -53.46
C MET A 188 -28.19 23.64 -52.68
N SER A 189 -28.34 23.84 -51.37
CA SER A 189 -27.25 24.32 -50.54
C SER A 189 -27.05 23.45 -49.31
N THR A 190 -28.13 22.86 -48.81
CA THR A 190 -28.06 22.11 -47.56
C THR A 190 -27.06 20.96 -47.66
N CYS A 191 -26.11 20.93 -46.71
CA CYS A 191 -25.15 19.84 -46.61
C CYS A 191 -25.81 18.74 -45.79
N HIS A 192 -26.27 17.68 -46.46
CA HIS A 192 -27.07 16.65 -45.84
C HIS A 192 -26.80 15.33 -46.56
N MET A 193 -27.64 14.33 -46.29
CA MET A 193 -27.55 13.03 -46.93
C MET A 193 -28.53 12.95 -48.09
N GLN A 194 -28.28 11.99 -48.98
CA GLN A 194 -29.13 11.74 -50.13
C GLN A 194 -29.89 10.44 -49.90
N TRP A 195 -31.22 10.54 -49.84
CA TRP A 195 -32.07 9.36 -49.69
C TRP A 195 -32.38 8.82 -51.08
N PRO A 196 -31.86 7.65 -51.46
CA PRO A 196 -32.01 7.20 -52.85
C PRO A 196 -33.44 7.18 -53.36
N GLU A 197 -34.43 7.02 -52.49
CA GLU A 197 -35.81 6.91 -52.90
C GLU A 197 -36.69 7.75 -51.99
N PRO A 198 -37.93 8.02 -52.39
CA PRO A 198 -38.82 8.83 -51.56
C PRO A 198 -38.88 8.34 -50.12
N ALA A 199 -39.37 9.22 -49.23
CA ALA A 199 -39.47 8.88 -47.81
C ALA A 199 -40.54 7.84 -47.53
N ALA A 200 -41.27 7.40 -48.55
CA ALA A 200 -42.35 6.43 -48.35
C ALA A 200 -41.88 5.23 -47.53
N ALA A 201 -40.72 4.67 -47.88
CA ALA A 201 -40.22 3.49 -47.20
C ALA A 201 -38.72 3.53 -46.91
N TRP A 202 -38.03 4.63 -47.18
CA TRP A 202 -36.60 4.74 -46.96
C TRP A 202 -36.24 5.74 -45.87
N ARG A 203 -36.72 6.98 -45.97
CA ARG A 203 -36.45 7.97 -44.94
C ARG A 203 -36.94 7.48 -43.58
N ALA A 204 -38.23 7.17 -43.48
CA ALA A 204 -38.76 6.60 -42.24
C ALA A 204 -38.04 5.31 -41.89
N GLY A 205 -37.74 4.49 -42.91
CA GLY A 205 -37.04 3.24 -42.64
C GLY A 205 -35.67 3.44 -42.03
N PHE A 206 -34.85 4.29 -42.65
CA PHE A 206 -33.52 4.55 -42.13
C PHE A 206 -33.58 5.22 -40.76
N ILE A 207 -34.51 6.14 -40.58
CA ILE A 207 -34.65 6.82 -39.29
C ILE A 207 -34.98 5.80 -38.21
N ILE A 208 -35.95 4.92 -38.47
CA ILE A 208 -36.33 3.92 -37.49
C ILE A 208 -35.19 2.95 -37.24
N TYR A 209 -34.43 2.59 -38.27
CA TYR A 209 -33.31 1.66 -38.09
C TYR A 209 -32.25 2.27 -37.17
N THR A 210 -31.80 3.49 -37.49
CA THR A 210 -30.76 4.11 -36.67
C THR A 210 -31.26 4.38 -35.26
N ALA A 211 -32.52 4.81 -35.12
CA ALA A 211 -33.08 5.02 -33.79
C ALA A 211 -33.10 3.72 -33.00
N ALA A 212 -33.74 2.69 -33.54
CA ALA A 212 -33.74 1.37 -32.92
C ALA A 212 -32.35 1.01 -32.44
N LEU A 213 -31.39 0.92 -33.34
CA LEU A 213 -30.06 0.49 -32.94
C LEU A 213 -29.54 1.37 -31.82
N GLY A 214 -29.27 2.65 -32.14
CA GLY A 214 -28.54 3.50 -31.23
C GLY A 214 -29.20 3.63 -29.87
N PHE A 215 -30.52 3.81 -29.85
CA PHE A 215 -31.22 3.96 -28.58
C PHE A 215 -31.37 2.62 -27.87
N PHE A 216 -32.11 1.69 -28.47
CA PHE A 216 -32.47 0.47 -27.76
C PHE A 216 -31.25 -0.34 -27.36
N GLY A 217 -30.40 -0.70 -28.33
CA GLY A 217 -29.32 -1.61 -28.04
C GLY A 217 -28.46 -1.12 -26.89
N PRO A 218 -27.74 -0.02 -27.12
CA PRO A 218 -26.89 0.52 -26.05
C PRO A 218 -27.65 0.82 -24.76
N LEU A 219 -28.79 1.50 -24.84
CA LEU A 219 -29.50 1.88 -23.63
C LEU A 219 -29.93 0.66 -22.82
N LEU A 220 -30.59 -0.29 -23.47
CA LEU A 220 -31.10 -1.44 -22.73
C LEU A 220 -29.96 -2.31 -22.21
N VAL A 221 -28.88 -2.44 -23.00
CA VAL A 221 -27.71 -3.17 -22.50
C VAL A 221 -27.16 -2.51 -21.24
N ILE A 222 -27.03 -1.18 -21.27
CA ILE A 222 -26.51 -0.45 -20.11
C ILE A 222 -27.41 -0.65 -18.91
N CYS A 223 -28.73 -0.52 -19.13
CA CYS A 223 -29.68 -0.65 -18.03
C CYS A 223 -29.64 -2.06 -17.44
N LEU A 224 -29.64 -3.08 -18.30
CA LEU A 224 -29.53 -4.45 -17.83
C LEU A 224 -28.28 -4.63 -16.99
N CYS A 225 -27.14 -4.18 -17.50
CA CYS A 225 -25.88 -4.32 -16.78
C CYS A 225 -25.96 -3.67 -15.40
N TYR A 226 -26.46 -2.43 -15.35
CA TYR A 226 -26.45 -1.67 -14.11
C TYR A 226 -27.43 -2.26 -13.09
N LEU A 227 -28.63 -2.64 -13.55
CA LEU A 227 -29.60 -3.20 -12.61
C LEU A 227 -29.17 -4.58 -12.14
N LEU A 228 -28.47 -5.34 -12.99
CA LEU A 228 -27.94 -6.63 -12.55
C LEU A 228 -26.82 -6.43 -11.54
N ILE A 229 -25.99 -5.39 -11.74
CA ILE A 229 -24.97 -5.05 -10.74
C ILE A 229 -25.63 -4.71 -9.42
N VAL A 230 -26.72 -3.94 -9.48
CA VAL A 230 -27.44 -3.56 -8.26
C VAL A 230 -28.00 -4.80 -7.57
N VAL A 231 -28.60 -5.70 -8.35
CA VAL A 231 -29.16 -6.93 -7.77
C VAL A 231 -28.05 -7.75 -7.11
N LYS A 232 -26.91 -7.87 -7.78
CA LYS A 232 -25.81 -8.67 -7.23
C LYS A 232 -25.27 -8.06 -5.95
N VAL A 233 -25.05 -6.74 -5.94
CA VAL A 233 -24.51 -6.11 -4.75
C VAL A 233 -25.51 -6.17 -3.60
N ARG A 234 -26.81 -6.05 -3.91
CA ARG A 234 -27.82 -6.16 -2.87
C ARG A 234 -27.85 -7.56 -2.28
N SER A 235 -27.82 -8.58 -3.15
CA SER A 235 -27.81 -9.96 -2.67
C SER A 235 -26.58 -10.24 -1.82
N ALA A 236 -25.44 -9.66 -2.21
CA ALA A 236 -24.21 -9.88 -1.46
C ALA A 236 -24.24 -9.17 -0.12
N GLY A 237 -24.78 -7.96 -0.07
CA GLY A 237 -24.80 -7.21 1.17
C GLY A 237 -25.83 -7.72 2.16
N ARG A 238 -27.03 -8.04 1.69
CA ARG A 238 -28.06 -8.55 2.58
C ARG A 238 -27.61 -9.81 3.28
N ARG A 239 -26.80 -10.64 2.62
CA ARG A 239 -26.26 -11.85 3.22
C ARG A 239 -25.07 -11.59 4.13
N VAL A 240 -24.56 -10.35 4.16
CA VAL A 240 -23.39 -10.03 4.96
C VAL A 240 -23.63 -8.75 5.76
N TRP A 241 -24.06 -8.91 7.01
CA TRP A 241 -24.17 -7.82 7.97
C TRP A 241 -24.86 -6.59 7.35
N ALA A 242 -26.13 -6.79 7.03
CA ALA A 242 -26.98 -5.74 6.49
C ALA A 242 -26.95 -4.47 7.34
N PRO A 243 -26.75 -4.56 8.67
CA PRO A 243 -26.71 -3.33 9.49
C PRO A 243 -25.43 -2.52 9.33
N SER A 244 -24.64 -2.79 8.29
CA SER A 244 -23.39 -2.07 8.06
C SER A 244 -23.60 -0.56 7.95
N CYS A 245 -24.86 -0.13 7.85
CA CYS A 245 -25.23 1.28 7.92
C CYS A 245 -24.89 2.05 6.65
N GLN A 246 -24.22 1.39 5.69
CA GLN A 246 -23.97 2.05 4.41
C GLN A 246 -25.14 1.85 3.45
N ARG A 247 -26.03 0.90 3.74
CA ARG A 247 -27.17 0.64 2.89
C ARG A 247 -28.17 1.80 2.90
N ARG A 248 -28.09 2.68 3.89
CA ARG A 248 -29.12 3.69 4.09
C ARG A 248 -28.89 4.94 3.24
N ARG A 249 -27.77 5.63 3.45
CA ARG A 249 -27.49 6.84 2.67
C ARG A 249 -26.02 6.96 2.29
N ARG A 250 -25.41 5.86 1.82
CA ARG A 250 -23.97 5.85 1.58
C ARG A 250 -23.59 4.95 0.41
N SER A 251 -22.31 4.56 0.33
CA SER A 251 -21.71 4.04 -0.89
C SER A 251 -22.68 3.21 -1.73
N GLU A 252 -23.42 2.31 -1.09
CA GLU A 252 -24.41 1.53 -1.84
C GLU A 252 -25.45 2.44 -2.49
N ARG A 253 -25.99 3.39 -1.72
CA ARG A 253 -26.99 4.30 -2.27
C ARG A 253 -26.36 5.26 -3.27
N ARG A 254 -25.09 5.64 -3.06
CA ARG A 254 -24.41 6.47 -4.05
C ARG A 254 -24.30 5.72 -5.38
N VAL A 255 -23.93 4.45 -5.33
CA VAL A 255 -23.84 3.64 -6.54
C VAL A 255 -25.21 3.54 -7.21
N THR A 256 -26.25 3.28 -6.42
CA THR A 256 -27.60 3.19 -6.98
C THR A 256 -28.00 4.48 -7.66
N ARG A 257 -27.78 5.62 -6.99
CA ARG A 257 -28.14 6.91 -7.56
C ARG A 257 -27.36 7.17 -8.84
N MET A 258 -26.07 6.83 -8.86
CA MET A 258 -25.27 7.09 -10.05
C MET A 258 -25.73 6.22 -11.22
N VAL A 259 -26.01 4.94 -10.96
CA VAL A 259 -26.38 4.05 -12.05
C VAL A 259 -27.77 4.38 -12.57
N VAL A 260 -28.65 4.90 -11.71
CA VAL A 260 -29.98 5.29 -12.20
C VAL A 260 -29.91 6.64 -12.91
N ALA A 261 -29.05 7.55 -12.45
CA ALA A 261 -28.90 8.83 -13.13
C ALA A 261 -28.27 8.66 -14.50
N TYR A 262 -27.37 7.69 -14.65
CA TYR A 262 -26.83 7.37 -15.96
C TYR A 262 -27.96 7.11 -16.96
N VAL A 263 -28.85 6.17 -16.61
CA VAL A 263 -29.94 5.80 -17.51
C VAL A 263 -30.88 6.98 -17.72
N ALA A 264 -31.22 7.68 -16.63
CA ALA A 264 -32.15 8.81 -16.75
C ALA A 264 -31.61 9.86 -17.71
N LEU A 265 -30.35 10.24 -17.55
CA LEU A 265 -29.74 11.24 -18.42
C LEU A 265 -29.67 10.74 -19.86
N PHE A 266 -29.17 9.52 -20.06
CA PHE A 266 -29.06 8.98 -21.41
C PHE A 266 -30.41 9.02 -22.11
N VAL A 267 -31.46 8.57 -21.43
CA VAL A 267 -32.79 8.56 -22.02
C VAL A 267 -33.22 9.98 -22.33
N LEU A 268 -33.32 10.82 -21.30
CA LEU A 268 -33.87 12.16 -21.48
C LEU A 268 -33.10 12.96 -22.52
N CYS A 269 -31.85 12.57 -22.81
CA CYS A 269 -31.07 13.31 -23.80
C CYS A 269 -31.20 12.72 -25.20
N TRP A 270 -31.08 11.40 -25.32
CA TRP A 270 -31.09 10.76 -26.63
C TRP A 270 -32.49 10.55 -27.18
N MET A 271 -33.41 10.01 -26.39
CA MET A 271 -34.74 9.70 -26.89
C MET A 271 -35.40 10.87 -27.61
N PRO A 272 -35.32 12.11 -27.12
CA PRO A 272 -35.92 13.21 -27.89
C PRO A 272 -35.35 13.35 -29.29
N PHE A 273 -34.04 13.13 -29.45
CA PHE A 273 -33.42 13.24 -30.77
C PHE A 273 -34.04 12.25 -31.74
N TYR A 274 -34.04 10.97 -31.39
CA TYR A 274 -34.59 9.94 -32.26
C TYR A 274 -36.11 9.94 -32.31
N VAL A 275 -36.78 10.70 -31.44
CA VAL A 275 -38.23 10.77 -31.44
C VAL A 275 -38.75 11.91 -32.31
N LEU A 276 -38.25 13.12 -32.08
CA LEU A 276 -38.70 14.27 -32.85
C LEU A 276 -38.26 14.21 -34.31
N ASN A 277 -37.42 13.23 -34.68
CA ASN A 277 -37.06 13.04 -36.07
C ASN A 277 -38.13 12.27 -36.82
N ILE A 278 -38.84 11.37 -36.13
CA ILE A 278 -39.86 10.56 -36.78
C ILE A 278 -41.21 11.26 -36.81
N VAL A 279 -41.43 12.27 -35.97
CA VAL A 279 -42.69 13.01 -35.98
C VAL A 279 -42.89 13.75 -37.30
N ASN A 280 -41.84 13.87 -38.11
CA ASN A 280 -41.90 14.62 -39.36
C ASN A 280 -42.08 13.72 -40.59
N VAL A 281 -41.25 12.68 -40.72
CA VAL A 281 -41.33 11.82 -41.90
C VAL A 281 -42.71 11.17 -42.00
N VAL A 282 -43.43 11.08 -40.88
CA VAL A 282 -44.79 10.56 -40.88
C VAL A 282 -45.83 11.63 -41.15
N CYS A 283 -45.54 12.89 -40.84
CA CYS A 283 -46.46 14.00 -41.08
C CYS A 283 -45.66 15.29 -41.24
N PRO A 284 -45.44 15.75 -42.48
CA PRO A 284 -44.66 16.99 -42.66
C PRO A 284 -45.19 18.15 -41.83
N LEU A 285 -44.40 18.59 -40.87
CA LEU A 285 -44.78 19.72 -40.03
C LEU A 285 -44.77 21.00 -40.86
N PRO A 286 -45.86 21.78 -40.90
CA PRO A 286 -45.82 23.05 -41.62
C PRO A 286 -44.65 23.92 -41.20
N GLU A 287 -43.79 24.28 -42.14
CA GLU A 287 -42.57 25.04 -41.86
C GLU A 287 -42.85 26.15 -40.85
N GLU A 288 -42.13 26.10 -39.73
CA GLU A 288 -42.32 27.03 -38.63
C GLU A 288 -40.97 27.36 -38.02
N PRO A 289 -40.77 28.60 -37.57
CA PRO A 289 -39.58 28.86 -36.74
C PRO A 289 -39.55 27.99 -35.49
N ALA A 290 -40.72 27.78 -34.87
CA ALA A 290 -40.81 26.92 -33.69
C ALA A 290 -40.43 25.48 -34.01
N PHE A 291 -40.66 25.01 -35.23
CA PHE A 291 -40.29 23.64 -35.58
C PHE A 291 -38.79 23.51 -35.85
N PHE A 292 -38.19 24.48 -36.53
CA PHE A 292 -36.73 24.46 -36.60
C PHE A 292 -36.11 24.58 -35.23
N GLY A 293 -36.77 25.26 -34.29
CA GLY A 293 -36.31 25.27 -32.92
C GLY A 293 -36.44 23.91 -32.27
N LEU A 294 -37.64 23.36 -32.44
CA LEU A 294 -37.90 22.09 -31.88
C LEU A 294 -36.78 21.21 -32.28
N TYR A 295 -36.19 21.41 -33.45
CA TYR A 295 -35.23 20.46 -33.90
C TYR A 295 -33.90 20.79 -33.47
N PHE A 296 -33.65 22.04 -33.35
CA PHE A 296 -32.35 22.47 -32.97
C PHE A 296 -32.15 22.01 -31.60
N LEU A 297 -33.21 21.97 -30.86
CA LEU A 297 -33.18 21.50 -29.48
C LEU A 297 -32.90 20.01 -29.41
N VAL A 298 -33.60 19.22 -30.23
CA VAL A 298 -33.40 17.77 -30.20
C VAL A 298 -32.08 17.34 -30.82
N VAL A 299 -31.45 18.21 -31.61
CA VAL A 299 -30.13 17.90 -32.16
C VAL A 299 -29.04 18.32 -31.19
N ALA A 300 -29.30 19.32 -30.36
CA ALA A 300 -28.34 19.72 -29.33
C ALA A 300 -28.43 18.83 -28.09
N LEU A 301 -29.59 18.23 -27.85
CA LEU A 301 -29.72 17.34 -26.70
C LEU A 301 -28.69 16.22 -26.70
N PRO A 302 -28.43 15.51 -27.81
CA PRO A 302 -27.32 14.54 -27.81
C PRO A 302 -25.98 15.18 -27.49
N TYR A 303 -25.77 16.44 -27.90
CA TYR A 303 -24.56 17.13 -27.50
C TYR A 303 -24.55 17.43 -26.00
N ALA A 304 -25.73 17.70 -25.43
CA ALA A 304 -25.81 17.80 -23.97
C ALA A 304 -25.46 16.48 -23.31
N ASN A 305 -25.84 15.36 -23.91
CA ASN A 305 -25.43 14.07 -23.38
C ASN A 305 -23.93 13.87 -23.47
N SER A 306 -23.34 14.24 -24.61
CA SER A 306 -21.89 14.16 -24.77
C SER A 306 -21.16 15.08 -23.81
N CYS A 307 -21.79 16.17 -23.38
CA CYS A 307 -21.21 17.06 -22.38
C CYS A 307 -21.35 16.50 -20.96
N ALA A 308 -22.48 15.86 -20.68
CA ALA A 308 -22.72 15.32 -19.33
C ALA A 308 -21.88 14.06 -19.10
N ASN A 309 -21.66 13.28 -20.14
CA ASN A 309 -20.90 12.03 -20.02
C ASN A 309 -19.58 12.26 -19.32
N PRO A 310 -18.78 13.25 -19.76
CA PRO A 310 -17.58 13.60 -19.00
C PRO A 310 -17.88 13.90 -17.54
N ILE A 311 -18.89 14.72 -17.29
CA ILE A 311 -19.27 15.08 -15.92
C ILE A 311 -19.61 13.81 -15.15
N LEU A 312 -20.43 12.95 -15.76
CA LEU A 312 -20.87 11.73 -15.09
C LEU A 312 -19.71 10.83 -14.72
N TYR A 313 -18.84 10.51 -15.69
CA TYR A 313 -17.82 9.50 -15.48
C TYR A 313 -16.57 10.09 -14.83
N GLY A 314 -15.93 11.06 -15.48
CA GLY A 314 -14.67 11.58 -14.97
C GLY A 314 -14.82 12.28 -13.63
N PHE A 315 -15.70 13.28 -13.56
CA PHE A 315 -15.83 14.07 -12.34
C PHE A 315 -16.41 13.24 -11.21
N LEU A 316 -17.56 12.60 -11.45
CA LEU A 316 -18.24 11.83 -10.41
C LEU A 316 -17.73 10.40 -10.37
N SER A 317 -16.47 10.22 -9.97
CA SER A 317 -15.88 8.89 -9.86
C SER A 317 -14.83 8.91 -8.76
N TYR A 318 -14.20 7.76 -8.53
CA TYR A 318 -13.18 7.61 -7.51
C TYR A 318 -11.81 7.41 -8.17
N ARG A 319 -10.80 8.04 -7.56
CA ARG A 319 -9.42 7.99 -8.03
C ARG A 319 -9.25 8.83 -9.30
N PHE A 320 -10.35 9.33 -9.85
CA PHE A 320 -10.30 10.39 -10.85
C PHE A 320 -10.47 11.73 -10.15
N LYS A 321 -11.53 11.83 -9.35
CA LYS A 321 -11.72 13.02 -8.51
C LYS A 321 -10.50 13.24 -7.62
N GLN A 322 -9.81 12.17 -7.24
CA GLN A 322 -8.60 12.30 -6.44
C GLN A 322 -7.58 13.18 -7.15
N GLY A 323 -7.26 12.84 -8.40
CA GLY A 323 -6.32 13.66 -9.16
C GLY A 323 -6.86 15.03 -9.48
N PHE A 324 -8.17 15.10 -9.77
CA PHE A 324 -8.79 16.41 -10.03
C PHE A 324 -8.58 17.36 -8.86
N ARG A 325 -8.72 16.85 -7.63
CA ARG A 325 -8.52 17.67 -6.45
C ARG A 325 -7.04 17.87 -6.14
N ARG A 326 -6.19 16.91 -6.51
CA ARG A 326 -4.77 17.02 -6.21
C ARG A 326 -4.10 18.09 -7.07
N VAL A 327 -4.40 18.11 -8.37
CA VAL A 327 -3.70 19.03 -9.27
C VAL A 327 -4.25 20.45 -9.16
N LEU A 328 -5.56 20.59 -9.03
CA LEU A 328 -6.18 21.91 -8.99
C LEU A 328 -6.25 22.44 -7.57
N THR B 4 19.31 -11.33 -35.78
CA THR B 4 19.97 -12.64 -35.52
C THR B 4 20.33 -12.78 -34.04
N LEU B 5 20.75 -13.99 -33.66
CA LEU B 5 21.14 -14.24 -32.29
C LEU B 5 21.98 -15.52 -32.25
N SER B 6 22.68 -15.70 -31.13
CA SER B 6 23.56 -16.86 -30.97
C SER B 6 22.73 -18.11 -30.66
N ALA B 7 23.38 -19.26 -30.71
CA ALA B 7 22.69 -20.51 -30.41
C ALA B 7 22.27 -20.57 -28.95
N GLU B 8 23.06 -19.98 -28.05
CA GLU B 8 22.69 -19.94 -26.64
C GLU B 8 21.48 -19.05 -26.40
N ASP B 9 21.32 -18.01 -27.23
CA ASP B 9 20.19 -17.10 -27.07
C ASP B 9 18.87 -17.81 -27.32
N LYS B 10 18.84 -18.73 -28.29
CA LYS B 10 17.61 -19.48 -28.56
C LYS B 10 17.22 -20.32 -27.35
N ALA B 11 18.17 -21.04 -26.77
CA ALA B 11 17.88 -21.83 -25.58
C ALA B 11 17.46 -20.95 -24.42
N ALA B 12 18.10 -19.79 -24.26
CA ALA B 12 17.72 -18.88 -23.19
C ALA B 12 16.29 -18.38 -23.37
N VAL B 13 15.92 -18.04 -24.60
CA VAL B 13 14.56 -17.55 -24.85
C VAL B 13 13.55 -18.66 -24.64
N GLU B 14 13.89 -19.90 -25.02
CA GLU B 14 12.97 -21.01 -24.79
C GLU B 14 12.79 -21.26 -23.29
N ARG B 15 13.88 -21.19 -22.53
CA ARG B 15 13.78 -21.34 -21.07
C ARG B 15 12.94 -20.23 -20.48
N SER B 16 13.11 -19.00 -20.95
CA SER B 16 12.31 -17.88 -20.45
C SER B 16 10.84 -18.08 -20.79
N LYS B 17 10.53 -18.60 -21.97
CA LYS B 17 9.15 -18.86 -22.34
C LYS B 17 8.54 -19.92 -21.45
N MET B 18 9.28 -21.00 -21.18
CA MET B 18 8.79 -22.05 -20.29
C MET B 18 8.55 -21.49 -18.89
N ILE B 19 9.47 -20.65 -18.41
CA ILE B 19 9.33 -20.08 -17.07
C ILE B 19 8.12 -19.14 -17.02
N GLU B 20 7.87 -18.41 -18.11
CA GLU B 20 6.71 -17.53 -18.15
C GLU B 20 5.41 -18.34 -18.16
N LYS B 21 5.40 -19.46 -18.89
CA LYS B 21 4.24 -20.33 -18.86
C LYS B 21 4.00 -20.86 -17.45
N GLN B 22 5.05 -21.31 -16.77
CA GLN B 22 4.90 -21.77 -15.40
C GLN B 22 4.41 -20.65 -14.49
N LEU B 23 4.91 -19.43 -14.70
CA LEU B 23 4.53 -18.31 -13.85
C LEU B 23 3.07 -17.94 -14.03
N GLN B 24 2.58 -17.94 -15.26
CA GLN B 24 1.17 -17.63 -15.47
C GLN B 24 0.28 -18.77 -14.98
N LYS B 25 0.73 -20.01 -15.12
CA LYS B 25 -0.01 -21.13 -14.56
C LYS B 25 -0.12 -21.01 -13.05
N ASP B 26 0.95 -20.52 -12.40
CA ASP B 26 0.91 -20.33 -10.95
C ASP B 26 0.03 -19.14 -10.58
N LYS B 27 0.09 -18.06 -11.37
CA LYS B 27 -0.74 -16.89 -11.10
C LYS B 27 -2.22 -17.22 -11.22
N GLN B 28 -2.58 -18.12 -12.13
CA GLN B 28 -3.97 -18.55 -12.22
C GLN B 28 -4.48 -19.03 -10.87
N VAL B 29 -3.79 -20.02 -10.28
CA VAL B 29 -4.22 -20.56 -8.99
C VAL B 29 -4.07 -19.51 -7.89
N TYR B 30 -3.04 -18.66 -7.97
CA TYR B 30 -2.85 -17.63 -6.95
C TYR B 30 -4.06 -16.70 -6.89
N ARG B 31 -4.55 -16.27 -8.05
CA ARG B 31 -5.74 -15.42 -8.09
C ARG B 31 -7.01 -16.20 -7.81
N ALA B 32 -7.01 -17.51 -8.05
CA ALA B 32 -8.19 -18.32 -7.76
C ALA B 32 -8.36 -18.53 -6.26
N THR B 33 -7.27 -18.62 -5.52
CA THR B 33 -7.33 -18.88 -4.09
C THR B 33 -7.26 -17.57 -3.30
N HIS B 34 -7.88 -17.58 -2.12
CA HIS B 34 -7.91 -16.43 -1.24
C HIS B 34 -7.04 -16.67 -0.01
N ARG B 35 -6.57 -15.59 0.59
CA ARG B 35 -5.68 -15.64 1.75
C ARG B 35 -6.25 -14.78 2.86
N LEU B 36 -6.23 -15.30 4.09
CA LEU B 36 -6.72 -14.61 5.27
C LEU B 36 -5.68 -14.65 6.36
N LEU B 37 -5.72 -13.67 7.25
CA LEU B 37 -4.78 -13.57 8.37
C LEU B 37 -5.55 -13.65 9.67
N LEU B 38 -5.22 -14.65 10.50
CA LEU B 38 -5.88 -14.83 11.78
C LEU B 38 -5.05 -14.17 12.87
N LEU B 39 -5.71 -13.36 13.70
CA LEU B 39 -5.04 -12.66 14.79
C LEU B 39 -5.90 -12.72 16.04
N GLY B 40 -5.25 -12.63 17.19
CA GLY B 40 -5.95 -12.66 18.46
C GLY B 40 -5.00 -13.00 19.60
N ALA B 41 -5.47 -12.75 20.81
CA ALA B 41 -4.69 -13.03 22.00
C ALA B 41 -4.67 -14.53 22.28
N ASP B 42 -3.97 -14.91 23.36
CA ASP B 42 -3.89 -16.32 23.72
C ASP B 42 -5.24 -16.84 24.20
N ASN B 43 -5.94 -16.05 25.00
CA ASN B 43 -7.27 -16.44 25.49
C ASN B 43 -8.35 -16.27 24.43
N SER B 44 -8.04 -15.65 23.29
CA SER B 44 -9.04 -15.46 22.25
C SER B 44 -9.59 -16.77 21.72
N GLY B 45 -8.91 -17.88 21.97
CA GLY B 45 -9.38 -19.17 21.49
C GLY B 45 -9.13 -19.41 20.02
N LYS B 46 -7.99 -18.94 19.50
CA LYS B 46 -7.69 -19.14 18.08
C LYS B 46 -7.54 -20.61 17.75
N SER B 47 -7.08 -21.42 18.71
CA SER B 47 -6.88 -22.85 18.44
C SER B 47 -8.19 -23.54 18.08
N THR B 48 -9.26 -23.24 18.82
CA THR B 48 -10.54 -23.88 18.55
C THR B 48 -11.08 -23.50 17.18
N ILE B 49 -11.07 -22.21 16.86
CA ILE B 49 -11.54 -21.78 15.55
C ILE B 49 -10.69 -22.36 14.44
N VAL B 50 -9.39 -22.50 14.68
CA VAL B 50 -8.52 -23.13 13.69
C VAL B 50 -8.78 -24.63 13.61
N LYS B 51 -9.25 -25.22 14.71
CA LYS B 51 -9.58 -26.64 14.74
C LYS B 51 -10.89 -26.97 14.04
N GLN B 52 -11.60 -25.96 13.53
CA GLN B 52 -12.83 -26.17 12.77
C GLN B 52 -12.58 -26.29 11.28
N MET B 53 -11.36 -26.70 10.90
CA MET B 53 -11.00 -26.85 9.49
C MET B 53 -11.59 -28.17 8.99
N ARG B 54 -12.88 -28.15 8.67
CA ARG B 54 -13.58 -29.32 8.18
C ARG B 54 -13.62 -29.40 6.66
N ILE B 55 -13.21 -28.35 5.96
CA ILE B 55 -13.19 -28.35 4.50
C ILE B 55 -14.59 -28.65 3.97
N ARG B 178 5.72 -27.50 11.00
CA ARG B 178 6.68 -28.55 10.64
C ARG B 178 7.88 -28.53 11.60
N VAL B 179 8.40 -27.34 11.85
CA VAL B 179 9.55 -27.15 12.73
C VAL B 179 9.03 -26.63 14.07
N LYS B 180 9.74 -26.97 15.15
CA LYS B 180 9.32 -26.56 16.48
C LYS B 180 9.29 -25.04 16.60
N THR B 181 10.30 -24.38 16.04
CA THR B 181 10.41 -22.92 16.08
C THR B 181 9.74 -22.25 14.89
N SER B 182 8.80 -22.94 14.23
CA SER B 182 8.12 -22.36 13.08
C SER B 182 7.34 -21.12 13.50
N GLY B 183 7.48 -20.06 12.71
CA GLY B 183 6.84 -18.79 12.98
C GLY B 183 5.57 -18.51 12.20
N ILE B 184 5.02 -19.49 11.50
CA ILE B 184 3.81 -19.29 10.72
C ILE B 184 3.16 -20.65 10.50
N PHE B 185 1.83 -20.69 10.66
CA PHE B 185 1.04 -21.89 10.42
C PHE B 185 -0.04 -21.56 9.40
N GLU B 186 -0.17 -22.44 8.40
CA GLU B 186 -1.13 -22.27 7.32
C GLU B 186 -2.19 -23.36 7.39
N THR B 187 -3.43 -22.98 7.10
CA THR B 187 -4.56 -23.91 7.09
C THR B 187 -5.38 -23.65 5.83
N LYS B 188 -5.44 -24.65 4.95
CA LYS B 188 -6.17 -24.54 3.70
C LYS B 188 -7.52 -25.23 3.84
N PHE B 189 -8.59 -24.53 3.45
CA PHE B 189 -9.93 -25.12 3.48
C PHE B 189 -10.72 -24.62 2.29
N GLN B 190 -11.51 -25.52 1.71
CA GLN B 190 -12.31 -25.24 0.51
C GLN B 190 -13.78 -25.17 0.89
N VAL B 191 -14.41 -24.03 0.59
CA VAL B 191 -15.84 -23.83 0.83
C VAL B 191 -16.45 -23.32 -0.46
N ASP B 192 -17.51 -23.99 -0.91
CA ASP B 192 -18.22 -23.61 -2.14
C ASP B 192 -17.25 -23.54 -3.33
N LYS B 193 -16.33 -24.51 -3.40
CA LYS B 193 -15.35 -24.61 -4.47
C LYS B 193 -14.38 -23.43 -4.48
N VAL B 194 -14.27 -22.70 -3.37
CA VAL B 194 -13.36 -21.58 -3.23
C VAL B 194 -12.37 -21.92 -2.13
N ASN B 195 -11.08 -21.80 -2.44
CA ASN B 195 -10.02 -22.15 -1.50
C ASN B 195 -9.63 -20.93 -0.67
N PHE B 196 -9.43 -21.15 0.63
CA PHE B 196 -9.03 -20.11 1.56
C PHE B 196 -7.87 -20.63 2.40
N HIS B 197 -6.78 -19.87 2.43
CA HIS B 197 -5.59 -20.20 3.22
C HIS B 197 -5.50 -19.21 4.37
N MET B 198 -5.71 -19.69 5.59
CA MET B 198 -5.62 -18.88 6.79
C MET B 198 -4.21 -19.01 7.37
N PHE B 199 -3.56 -17.87 7.60
CA PHE B 199 -2.21 -17.83 8.13
C PHE B 199 -2.24 -17.25 9.53
N ASP B 200 -1.54 -17.91 10.46
CA ASP B 200 -1.46 -17.48 11.85
C ASP B 200 -0.02 -17.53 12.31
N VAL B 201 0.47 -16.41 12.84
CA VAL B 201 1.84 -16.35 13.32
C VAL B 201 2.01 -17.27 14.52
N GLY B 202 3.11 -18.03 14.54
CA GLY B 202 3.38 -18.95 15.62
C GLY B 202 4.41 -18.42 16.60
N ALA B 203 5.65 -18.89 16.47
CA ALA B 203 6.73 -18.46 17.35
C ALA B 203 7.17 -17.05 16.98
N GLN B 204 6.59 -16.04 17.65
CA GLN B 204 6.93 -14.65 17.40
C GLN B 204 6.85 -13.89 18.70
N ARG B 205 7.61 -12.80 18.79
CA ARG B 205 7.64 -11.98 19.98
C ARG B 205 6.44 -11.05 20.02
N ASP B 206 6.25 -10.38 21.16
CA ASP B 206 5.11 -9.49 21.33
C ASP B 206 5.14 -8.35 20.33
N GLU B 207 6.32 -7.95 19.87
CA GLU B 207 6.42 -6.89 18.88
C GLU B 207 5.95 -7.39 17.52
N ARG B 208 5.06 -6.62 16.88
CA ARG B 208 4.46 -7.04 15.62
C ARG B 208 4.36 -5.92 14.60
N ARG B 209 4.95 -4.75 14.86
CA ARG B 209 4.82 -3.64 13.93
C ARG B 209 5.62 -3.83 12.64
N LYS B 210 6.53 -4.80 12.60
CA LYS B 210 7.37 -5.00 11.42
C LYS B 210 6.79 -6.05 10.48
N TRP B 211 6.62 -7.29 10.98
CA TRP B 211 6.17 -8.36 10.10
C TRP B 211 4.70 -8.21 9.70
N ILE B 212 3.91 -7.48 10.48
CA ILE B 212 2.50 -7.29 10.12
C ILE B 212 2.37 -6.63 8.76
N GLN B 213 3.30 -5.74 8.42
CA GLN B 213 3.27 -5.08 7.13
C GLN B 213 3.32 -6.07 5.97
N CYS B 214 3.83 -7.29 6.22
CA CYS B 214 3.86 -8.30 5.17
C CYS B 214 2.48 -8.73 4.74
N PHE B 215 1.45 -8.47 5.55
CA PHE B 215 0.08 -8.87 5.24
C PHE B 215 -0.76 -7.69 4.78
N ASN B 216 -0.16 -6.75 4.06
CA ASN B 216 -0.89 -5.59 3.55
C ASN B 216 -1.67 -5.90 2.27
N ASP B 217 -1.64 -7.15 1.80
CA ASP B 217 -2.37 -7.54 0.59
C ASP B 217 -3.28 -8.73 0.82
N VAL B 218 -3.43 -9.19 2.07
CA VAL B 218 -4.31 -10.32 2.35
C VAL B 218 -5.76 -9.94 2.07
N THR B 219 -6.61 -10.97 1.94
CA THR B 219 -8.02 -10.72 1.65
C THR B 219 -8.73 -10.13 2.86
N ALA B 220 -8.54 -10.73 4.03
CA ALA B 220 -9.21 -10.26 5.24
C ALA B 220 -8.40 -10.65 6.46
N ILE B 221 -8.71 -9.99 7.58
CA ILE B 221 -8.04 -10.22 8.85
C ILE B 221 -9.12 -10.62 9.86
N ILE B 222 -9.11 -11.89 10.25
CA ILE B 222 -10.05 -12.42 11.24
C ILE B 222 -9.43 -12.17 12.61
N PHE B 223 -10.00 -11.20 13.34
CA PHE B 223 -9.52 -10.83 14.67
C PHE B 223 -10.45 -11.42 15.72
N VAL B 224 -9.89 -12.24 16.60
CA VAL B 224 -10.66 -12.90 17.65
C VAL B 224 -10.47 -12.17 18.97
N VAL B 225 -11.61 -12.13 19.68
CA VAL B 225 -11.70 -11.55 20.96
C VAL B 225 -12.50 -12.47 21.83
N ASP B 226 -12.20 -12.61 23.11
CA ASP B 226 -13.04 -13.24 24.12
C ASP B 226 -13.94 -12.14 24.81
N SER B 227 -15.17 -11.83 24.41
CA SER B 227 -16.20 -10.89 24.88
C SER B 227 -16.53 -11.12 26.35
N SER B 228 -16.22 -12.30 26.89
CA SER B 228 -16.53 -12.61 28.27
C SER B 228 -15.47 -12.09 29.24
N ASP B 229 -14.26 -11.82 28.77
CA ASP B 229 -13.17 -11.36 29.63
C ASP B 229 -13.17 -9.83 29.62
N TYR B 230 -13.79 -9.23 30.64
CA TYR B 230 -13.85 -7.79 30.73
C TYR B 230 -12.50 -7.18 31.09
N ASN B 231 -11.59 -7.96 31.69
CA ASN B 231 -10.29 -7.42 32.08
C ASN B 231 -9.45 -7.06 30.86
N ARG B 232 -9.19 -8.04 29.99
CA ARG B 232 -8.38 -7.82 28.81
C ARG B 232 -9.17 -7.25 27.64
N LEU B 233 -10.43 -6.89 27.84
CA LEU B 233 -11.22 -6.32 26.75
C LEU B 233 -10.61 -5.00 26.28
N GLN B 234 -10.06 -4.22 27.20
CA GLN B 234 -9.40 -2.98 26.81
C GLN B 234 -8.19 -3.25 25.93
N GLU B 235 -7.44 -4.30 26.25
CA GLU B 235 -6.30 -4.66 25.41
C GLU B 235 -6.75 -5.05 24.01
N ALA B 236 -7.83 -5.82 23.90
CA ALA B 236 -8.35 -6.21 22.60
C ALA B 236 -8.82 -4.98 21.82
N LEU B 237 -9.48 -4.04 22.51
CA LEU B 237 -9.92 -2.82 21.83
C LEU B 237 -8.74 -2.01 21.33
N ASN B 238 -7.69 -1.89 22.15
CA ASN B 238 -6.51 -1.15 21.71
C ASN B 238 -5.84 -1.83 20.53
N ASP B 239 -5.75 -3.16 20.55
CA ASP B 239 -5.15 -3.89 19.44
C ASP B 239 -5.97 -3.70 18.16
N PHE B 240 -7.30 -3.75 18.28
CA PHE B 240 -8.15 -3.53 17.11
C PHE B 240 -7.98 -2.12 16.57
N LYS B 241 -7.90 -1.13 17.46
CA LYS B 241 -7.69 0.24 17.03
C LYS B 241 -6.36 0.38 16.30
N SER B 242 -5.30 -0.23 16.84
CA SER B 242 -3.99 -0.15 16.21
C SER B 242 -4.01 -0.81 14.83
N ILE B 243 -4.64 -1.99 14.72
CA ILE B 243 -4.69 -2.68 13.44
C ILE B 243 -5.53 -1.89 12.43
N TRP B 244 -6.57 -1.21 12.90
CA TRP B 244 -7.42 -0.44 11.98
C TRP B 244 -6.70 0.80 11.49
N ASN B 245 -6.06 1.54 12.40
CA ASN B 245 -5.36 2.77 12.04
C ASN B 245 -3.99 2.52 11.42
N ASN B 246 -3.59 1.26 11.24
CA ASN B 246 -2.31 0.97 10.64
C ASN B 246 -2.25 1.52 9.22
N ARG B 247 -1.10 2.12 8.88
CA ARG B 247 -0.97 2.76 7.57
C ARG B 247 -1.15 1.75 6.44
N TRP B 248 -0.62 0.55 6.61
CA TRP B 248 -0.64 -0.46 5.55
C TRP B 248 -1.86 -1.36 5.59
N LEU B 249 -2.62 -1.36 6.69
CA LEU B 249 -3.82 -2.16 6.82
C LEU B 249 -5.09 -1.32 6.68
N ARG B 250 -4.99 -0.08 6.20
CA ARG B 250 -6.15 0.77 6.06
C ARG B 250 -7.09 0.30 4.97
N THR B 251 -6.62 -0.52 4.04
CA THR B 251 -7.42 -1.01 2.92
C THR B 251 -7.76 -2.49 3.05
N ILE B 252 -7.90 -2.99 4.27
CA ILE B 252 -8.22 -4.39 4.53
C ILE B 252 -9.33 -4.44 5.57
N SER B 253 -10.35 -5.26 5.30
CA SER B 253 -11.45 -5.43 6.25
C SER B 253 -11.04 -6.38 7.36
N VAL B 254 -11.71 -6.23 8.51
CA VAL B 254 -11.44 -7.04 9.69
C VAL B 254 -12.73 -7.75 10.07
N ILE B 255 -12.67 -9.09 10.13
CA ILE B 255 -13.81 -9.91 10.52
C ILE B 255 -13.67 -10.19 12.01
N LEU B 256 -14.54 -9.59 12.81
CA LEU B 256 -14.51 -9.73 14.26
C LEU B 256 -15.42 -10.87 14.68
N PHE B 257 -14.84 -11.92 15.26
CA PHE B 257 -15.60 -13.06 15.76
C PHE B 257 -15.62 -12.98 17.28
N LEU B 258 -16.79 -12.64 17.83
CA LEU B 258 -16.97 -12.55 19.28
C LEU B 258 -17.15 -13.97 19.85
N ASN B 259 -16.03 -14.69 19.88
CA ASN B 259 -16.05 -16.07 20.34
C ASN B 259 -16.35 -16.13 21.84
N LYS B 260 -16.69 -17.34 22.30
CA LYS B 260 -16.96 -17.60 23.71
C LYS B 260 -18.16 -16.77 24.20
N GLN B 261 -19.29 -16.97 23.52
CA GLN B 261 -20.52 -16.29 23.91
C GLN B 261 -21.18 -16.96 25.10
N ASP B 262 -21.02 -18.28 25.23
CA ASP B 262 -21.60 -18.99 26.36
C ASP B 262 -21.00 -18.51 27.68
N LEU B 263 -19.68 -18.32 27.71
CA LEU B 263 -19.04 -17.82 28.92
C LEU B 263 -19.53 -16.42 29.27
N LEU B 264 -19.69 -15.57 28.25
CA LEU B 264 -20.21 -14.22 28.51
C LEU B 264 -21.62 -14.28 29.07
N ALA B 265 -22.48 -15.13 28.48
CA ALA B 265 -23.84 -15.26 28.99
C ALA B 265 -23.84 -15.75 30.43
N GLU B 266 -23.00 -16.75 30.74
CA GLU B 266 -22.95 -17.26 32.10
C GLU B 266 -22.47 -16.19 33.07
N LYS B 267 -21.44 -15.43 32.69
CA LYS B 267 -20.93 -14.37 33.56
C LYS B 267 -21.98 -13.29 33.79
N VAL B 268 -22.74 -12.95 32.74
CA VAL B 268 -23.77 -11.93 32.89
C VAL B 268 -24.92 -12.43 33.77
N LEU B 269 -25.30 -13.69 33.61
CA LEU B 269 -26.38 -14.25 34.43
C LEU B 269 -25.95 -14.40 35.89
N ALA B 270 -24.65 -14.64 36.13
CA ALA B 270 -24.18 -14.76 37.50
C ALA B 270 -24.14 -13.41 38.19
N GLY B 271 -23.73 -12.37 37.47
CA GLY B 271 -23.69 -11.03 38.04
C GLY B 271 -22.59 -10.81 39.05
N LYS B 272 -21.57 -11.66 39.07
CA LYS B 272 -20.48 -11.51 40.02
C LYS B 272 -19.47 -10.46 39.59
N SER B 273 -19.45 -10.09 38.32
CA SER B 273 -18.53 -9.08 37.80
C SER B 273 -19.34 -8.06 37.01
N LYS B 274 -19.24 -6.79 37.39
CA LYS B 274 -19.95 -5.72 36.73
C LYS B 274 -19.13 -5.16 35.57
N ILE B 275 -19.83 -4.69 34.54
CA ILE B 275 -19.15 -4.14 33.38
C ILE B 275 -18.79 -2.68 33.57
N GLU B 276 -19.56 -1.96 34.39
CA GLU B 276 -19.28 -0.54 34.61
C GLU B 276 -17.94 -0.33 35.32
N ASP B 277 -17.39 -1.36 35.94
CA ASP B 277 -16.09 -1.22 36.61
C ASP B 277 -14.99 -0.92 35.61
N TYR B 278 -15.12 -1.43 34.38
CA TYR B 278 -14.12 -1.20 33.34
C TYR B 278 -14.57 -0.23 32.26
N PHE B 279 -15.88 -0.07 32.06
CA PHE B 279 -16.41 0.81 31.03
C PHE B 279 -17.61 1.56 31.61
N PRO B 280 -17.41 2.77 32.13
CA PRO B 280 -18.55 3.50 32.73
C PRO B 280 -19.65 3.81 31.73
N GLU B 281 -19.30 4.01 30.45
CA GLU B 281 -20.33 4.29 29.45
C GLU B 281 -21.38 3.18 29.39
N PHE B 282 -21.04 1.96 29.80
CA PHE B 282 -22.01 0.88 29.80
C PHE B 282 -23.23 1.24 30.64
N ALA B 283 -23.03 2.02 31.70
CA ALA B 283 -24.15 2.42 32.56
C ALA B 283 -25.18 3.25 31.78
N ARG B 284 -24.75 3.93 30.72
CA ARG B 284 -25.63 4.75 29.91
C ARG B 284 -26.00 4.12 28.58
N TYR B 285 -25.47 2.92 28.29
CA TYR B 285 -25.79 2.26 27.04
C TYR B 285 -27.18 1.64 27.09
N THR B 286 -27.86 1.65 25.94
CA THR B 286 -29.20 1.11 25.82
C THR B 286 -29.25 0.13 24.66
N THR B 287 -30.04 -0.92 24.81
CA THR B 287 -30.18 -1.93 23.76
C THR B 287 -30.71 -1.28 22.49
N PRO B 288 -29.96 -1.30 21.38
CA PRO B 288 -30.46 -0.67 20.15
C PRO B 288 -31.60 -1.48 19.54
N GLU B 289 -32.55 -0.76 18.95
CA GLU B 289 -33.68 -1.44 18.30
C GLU B 289 -33.21 -2.27 17.11
N ASP B 290 -32.04 -1.97 16.55
CA ASP B 290 -31.50 -2.73 15.44
C ASP B 290 -31.06 -4.13 15.87
N ALA B 291 -31.13 -4.47 17.15
CA ALA B 291 -30.68 -5.76 17.62
C ALA B 291 -31.57 -6.88 17.10
N THR B 292 -31.08 -8.10 17.22
CA THR B 292 -31.80 -9.31 16.80
C THR B 292 -31.66 -10.36 17.90
N PRO B 293 -32.37 -10.17 19.02
CA PRO B 293 -32.24 -11.12 20.12
C PRO B 293 -32.59 -12.54 19.69
N GLU B 294 -31.83 -13.50 20.22
CA GLU B 294 -32.07 -14.90 19.90
C GLU B 294 -33.15 -15.47 20.82
N PRO B 295 -33.85 -16.51 20.39
CA PRO B 295 -34.91 -17.09 21.23
C PRO B 295 -34.34 -17.69 22.50
N GLY B 296 -34.93 -17.32 23.64
CA GLY B 296 -34.49 -17.80 24.93
C GLY B 296 -33.16 -17.19 25.35
N GLU B 297 -33.03 -15.88 25.20
CA GLU B 297 -31.82 -15.15 25.56
C GLU B 297 -32.17 -14.05 26.54
N ASP B 298 -31.47 -14.02 27.67
CA ASP B 298 -31.72 -12.98 28.66
C ASP B 298 -31.39 -11.61 28.07
N PRO B 299 -32.26 -10.61 28.24
CA PRO B 299 -31.94 -9.28 27.71
C PRO B 299 -30.61 -8.74 28.21
N ARG B 300 -30.17 -9.15 29.41
CA ARG B 300 -28.89 -8.68 29.92
C ARG B 300 -27.74 -9.13 29.03
N VAL B 301 -27.73 -10.41 28.66
CA VAL B 301 -26.69 -10.93 27.78
C VAL B 301 -26.73 -10.21 26.43
N THR B 302 -27.94 -9.96 25.92
CA THR B 302 -28.09 -9.29 24.64
C THR B 302 -27.48 -7.90 24.69
N ARG B 303 -27.85 -7.11 25.70
CA ARG B 303 -27.33 -5.74 25.78
C ARG B 303 -25.83 -5.74 26.03
N ALA B 304 -25.33 -6.69 26.82
CA ALA B 304 -23.90 -6.75 27.07
C ALA B 304 -23.12 -7.05 25.80
N LYS B 305 -23.57 -8.05 25.03
CA LYS B 305 -22.86 -8.40 23.80
C LYS B 305 -22.98 -7.29 22.77
N TYR B 306 -24.14 -6.62 22.70
CA TYR B 306 -24.26 -5.53 21.76
C TYR B 306 -23.40 -4.34 22.16
N PHE B 307 -23.21 -4.13 23.47
CA PHE B 307 -22.35 -3.06 23.92
C PHE B 307 -20.89 -3.36 23.60
N ILE B 308 -20.44 -4.60 23.85
CA ILE B 308 -19.06 -4.93 23.56
C ILE B 308 -18.83 -5.02 22.06
N ARG B 309 -19.90 -5.16 21.27
CA ARG B 309 -19.75 -5.08 19.82
C ARG B 309 -19.67 -3.63 19.36
N ASP B 310 -20.51 -2.76 19.91
CA ASP B 310 -20.44 -1.35 19.58
C ASP B 310 -19.10 -0.75 19.98
N GLU B 311 -18.49 -1.29 21.05
CA GLU B 311 -17.18 -0.81 21.47
C GLU B 311 -16.17 -0.91 20.32
N PHE B 312 -16.24 -2.00 19.55
CA PHE B 312 -15.33 -2.16 18.41
C PHE B 312 -15.86 -1.43 17.18
N LEU B 313 -17.18 -1.41 16.99
CA LEU B 313 -17.75 -0.78 15.82
C LEU B 313 -17.50 0.72 15.80
N ARG B 314 -17.49 1.36 16.97
CA ARG B 314 -17.20 2.79 17.03
C ARG B 314 -15.79 3.08 16.54
N ILE B 315 -14.81 2.31 17.01
CA ILE B 315 -13.44 2.48 16.54
C ILE B 315 -13.34 2.19 15.05
N SER B 316 -14.07 1.17 14.58
CA SER B 316 -14.04 0.83 13.17
C SER B 316 -14.56 1.98 12.31
N THR B 317 -15.67 2.58 12.72
CA THR B 317 -16.29 3.66 11.95
C THR B 317 -15.58 4.99 12.12
N ALA B 318 -14.80 5.17 13.19
CA ALA B 318 -14.11 6.44 13.40
C ALA B 318 -13.17 6.75 12.25
N SER B 319 -12.53 5.74 11.68
CA SER B 319 -11.58 5.91 10.58
C SER B 319 -11.89 4.95 9.43
N GLY B 320 -13.17 4.69 9.19
CA GLY B 320 -13.53 3.80 8.09
C GLY B 320 -13.24 4.41 6.73
N ASP B 321 -13.77 5.60 6.48
CA ASP B 321 -13.56 6.33 5.23
C ASP B 321 -14.13 5.58 4.02
N GLY B 322 -14.89 4.52 4.25
CA GLY B 322 -15.47 3.73 3.19
C GLY B 322 -14.50 2.81 2.48
N ARG B 323 -13.22 2.84 2.81
CA ARG B 323 -12.24 1.97 2.18
C ARG B 323 -12.19 0.59 2.81
N HIS B 324 -12.68 0.43 4.04
CA HIS B 324 -12.70 -0.85 4.71
C HIS B 324 -13.79 -0.85 5.76
N TYR B 325 -14.34 -2.03 6.03
CA TYR B 325 -15.43 -2.19 6.98
C TYR B 325 -15.16 -3.40 7.87
N CYS B 326 -15.85 -3.45 9.01
CA CYS B 326 -15.72 -4.53 9.96
C CYS B 326 -16.96 -5.41 9.91
N TYR B 327 -16.77 -6.72 10.05
CA TYR B 327 -17.85 -7.70 10.00
C TYR B 327 -17.93 -8.42 11.35
N PRO B 328 -18.69 -7.89 12.30
CA PRO B 328 -18.83 -8.58 13.59
C PRO B 328 -19.80 -9.75 13.51
N HIS B 329 -19.50 -10.81 14.25
CA HIS B 329 -20.35 -11.98 14.31
C HIS B 329 -20.29 -12.57 15.72
N PHE B 330 -21.41 -13.14 16.16
CA PHE B 330 -21.51 -13.77 17.47
C PHE B 330 -21.27 -15.26 17.31
N THR B 331 -20.07 -15.71 17.63
CA THR B 331 -19.67 -17.11 17.52
C THR B 331 -19.34 -17.65 18.90
N CYS B 332 -19.24 -18.98 18.98
CA CYS B 332 -18.92 -19.66 20.23
C CYS B 332 -18.07 -20.88 19.91
N SER B 333 -17.71 -21.63 20.96
CA SER B 333 -16.90 -22.83 20.77
C SER B 333 -17.63 -23.84 19.90
N VAL B 334 -18.89 -24.13 20.22
CA VAL B 334 -19.70 -25.08 19.45
C VAL B 334 -20.39 -24.27 18.36
N ASP B 335 -19.69 -24.09 17.24
CA ASP B 335 -20.23 -23.34 16.12
C ASP B 335 -19.53 -23.80 14.85
N THR B 336 -20.31 -24.32 13.90
CA THR B 336 -19.78 -24.80 12.64
C THR B 336 -20.00 -23.85 11.48
N GLU B 337 -20.94 -22.91 11.61
CA GLU B 337 -21.26 -21.98 10.52
C GLU B 337 -20.19 -20.90 10.35
N ASN B 338 -19.13 -20.92 11.15
CA ASN B 338 -18.09 -19.90 11.04
C ASN B 338 -17.51 -19.86 9.63
N ALA B 339 -17.33 -21.04 9.01
CA ALA B 339 -16.80 -21.09 7.66
C ALA B 339 -17.73 -20.39 6.68
N ARG B 340 -19.03 -20.59 6.83
CA ARG B 340 -19.99 -19.92 5.96
C ARG B 340 -19.92 -18.41 6.14
N ARG B 341 -19.80 -17.94 7.38
CA ARG B 341 -19.68 -16.51 7.62
C ARG B 341 -18.42 -15.94 6.98
N ILE B 342 -17.31 -16.66 7.12
CA ILE B 342 -16.05 -16.22 6.52
C ILE B 342 -16.19 -16.15 5.00
N PHE B 343 -16.80 -17.17 4.40
CA PHE B 343 -16.98 -17.19 2.95
C PHE B 343 -17.83 -16.01 2.50
N ASN B 344 -18.95 -15.76 3.19
CA ASN B 344 -19.83 -14.66 2.80
C ASN B 344 -19.12 -13.32 2.96
N ASP B 345 -18.36 -13.15 4.04
CA ASP B 345 -17.64 -11.89 4.24
C ASP B 345 -16.58 -11.69 3.16
N VAL B 346 -15.87 -12.74 2.79
CA VAL B 346 -14.86 -12.62 1.74
C VAL B 346 -15.53 -12.29 0.40
N THR B 347 -16.69 -12.90 0.15
CA THR B 347 -17.41 -12.60 -1.09
C THR B 347 -17.84 -11.14 -1.13
N ASP B 348 -18.36 -10.64 0.00
CA ASP B 348 -18.75 -9.22 0.05
C ASP B 348 -17.54 -8.31 -0.12
N ILE B 349 -16.41 -8.67 0.46
CA ILE B 349 -15.20 -7.85 0.32
C ILE B 349 -14.75 -7.83 -1.14
N ILE B 350 -14.81 -8.99 -1.81
CA ILE B 350 -14.43 -9.05 -3.22
C ILE B 350 -15.39 -8.23 -4.07
N ILE B 351 -16.68 -8.26 -3.74
CA ILE B 351 -17.65 -7.46 -4.48
C ILE B 351 -17.35 -5.98 -4.31
N LYS B 352 -17.08 -5.56 -3.07
CA LYS B 352 -16.75 -4.15 -2.83
C LYS B 352 -15.47 -3.74 -3.54
N MET B 353 -14.48 -4.63 -3.59
CA MET B 353 -13.24 -4.32 -4.29
C MET B 353 -13.49 -4.17 -5.79
N ASN B 354 -14.22 -5.11 -6.39
CA ASN B 354 -14.54 -5.02 -7.81
C ASN B 354 -15.35 -3.76 -8.11
N LEU B 355 -16.18 -3.32 -7.16
CA LEU B 355 -16.94 -2.09 -7.36
C LEU B 355 -16.02 -0.87 -7.30
N ARG B 356 -15.11 -0.82 -6.33
CA ARG B 356 -14.20 0.31 -6.23
C ARG B 356 -13.21 0.34 -7.39
N ASP B 357 -12.89 -0.83 -7.96
CA ASP B 357 -11.93 -0.86 -9.07
C ASP B 357 -12.43 -0.05 -10.26
N CYS B 358 -13.73 -0.15 -10.55
CA CYS B 358 -14.30 0.57 -11.68
C CYS B 358 -14.66 2.01 -11.35
N GLY B 359 -14.73 2.35 -10.07
CA GLY B 359 -15.08 3.70 -9.67
C GLY B 359 -16.55 3.95 -9.40
N LEU B 360 -17.31 2.85 -9.62
CA LEU B 360 -18.73 2.91 -9.42
C LEU B 360 -18.86 3.26 -8.01
N PHE B 361 -17.81 3.06 -7.26
CA PHE B 361 -17.97 3.32 -5.87
C PHE B 361 -18.07 4.82 -5.76
N GLN C 17 22.54 0.90 40.64
CA GLN C 17 23.86 0.64 41.17
C GLN C 17 24.72 0.17 40.04
N LEU C 18 24.16 -0.66 39.18
CA LEU C 18 24.89 -1.17 38.05
C LEU C 18 24.17 -0.55 36.92
N ARG C 19 23.22 0.27 37.28
CA ARG C 19 22.46 0.89 36.28
C ARG C 19 22.91 2.30 36.32
N GLN C 20 23.23 2.78 37.51
CA GLN C 20 23.78 4.13 37.49
C GLN C 20 25.18 4.11 36.88
N GLU C 21 26.05 3.23 37.37
CA GLU C 21 27.39 3.11 36.81
C GLU C 21 27.32 3.05 35.28
N ALA C 22 26.43 2.20 34.75
CA ALA C 22 26.31 2.07 33.31
C ALA C 22 26.14 3.44 32.65
N GLU C 23 25.18 4.23 33.12
CA GLU C 23 24.94 5.52 32.48
C GLU C 23 26.18 6.41 32.55
N GLN C 24 26.91 6.33 33.67
CA GLN C 24 28.18 7.04 33.75
C GLN C 24 29.05 6.73 32.54
N LEU C 25 29.24 5.43 32.26
CA LEU C 25 30.01 5.04 31.09
C LEU C 25 29.52 5.76 29.84
N LYS C 26 28.20 5.81 29.64
CA LYS C 26 27.65 6.51 28.50
C LYS C 26 28.25 7.91 28.39
N ASN C 27 28.14 8.69 29.46
CA ASN C 27 28.73 10.03 29.47
C ASN C 27 30.18 9.98 29.00
N GLN C 28 30.97 9.08 29.60
CA GLN C 28 32.36 8.93 29.18
C GLN C 28 32.44 8.79 27.66
N ILE C 29 31.73 7.80 27.10
CA ILE C 29 31.72 7.62 25.65
C ILE C 29 31.37 8.94 24.98
N ARG C 30 30.27 9.56 25.40
CA ARG C 30 29.87 10.84 24.83
C ARG C 30 31.03 11.82 24.90
N ASP C 31 31.64 11.96 26.09
CA ASP C 31 32.78 12.86 26.23
C ASP C 31 33.85 12.55 25.21
N ALA C 32 34.14 11.26 25.02
CA ALA C 32 35.14 10.88 24.02
C ALA C 32 34.79 11.46 22.65
N ARG C 33 33.53 11.35 22.24
CA ARG C 33 33.11 11.93 20.98
C ARG C 33 33.37 13.43 20.96
N LYS C 34 33.07 14.11 22.07
CA LYS C 34 33.35 15.53 22.16
C LYS C 34 34.83 15.85 21.98
N ALA C 35 35.70 14.89 22.26
CA ALA C 35 37.13 15.08 22.05
C ALA C 35 37.55 14.83 20.61
N CYS C 36 36.73 14.13 19.83
CA CYS C 36 37.04 13.82 18.44
C CYS C 36 36.24 14.65 17.45
N ALA C 37 35.14 15.27 17.88
CA ALA C 37 34.30 16.07 17.00
C ALA C 37 34.90 17.47 16.89
N ASP C 38 35.91 17.59 16.03
CA ASP C 38 36.55 18.89 15.81
C ASP C 38 35.73 19.75 14.86
N ALA C 39 35.39 19.21 13.69
CA ALA C 39 34.59 19.92 12.71
C ALA C 39 33.61 18.95 12.08
N THR C 40 32.64 19.51 11.35
CA THR C 40 31.60 18.73 10.68
C THR C 40 32.05 18.39 9.27
N LEU C 41 31.53 17.27 8.76
CA LEU C 41 31.88 16.84 7.41
C LEU C 41 31.45 17.88 6.38
N SER C 42 30.32 18.54 6.61
CA SER C 42 29.86 19.56 5.67
C SER C 42 30.77 20.77 5.67
N GLN C 43 31.46 21.03 6.80
CA GLN C 43 32.35 22.18 6.89
C GLN C 43 33.67 21.93 6.17
N ILE C 44 34.36 20.85 6.54
CA ILE C 44 35.65 20.55 5.92
C ILE C 44 35.48 20.28 4.44
N THR C 45 34.40 19.59 4.06
CA THR C 45 34.13 19.27 2.66
C THR C 45 33.10 20.26 2.14
N ASN C 46 33.58 21.45 1.75
CA ASN C 46 32.72 22.49 1.23
C ASN C 46 33.28 23.06 -0.06
N ASN C 47 34.61 22.97 -0.25
CA ASN C 47 35.25 23.53 -1.43
C ASN C 47 35.14 22.65 -2.65
N ILE C 48 34.93 21.34 -2.48
CA ILE C 48 34.85 20.46 -3.64
C ILE C 48 33.66 20.85 -4.51
N ASP C 49 33.73 20.47 -5.78
CA ASP C 49 32.66 20.78 -6.71
C ASP C 49 31.46 19.89 -6.49
N PRO C 50 30.25 20.39 -6.76
CA PRO C 50 29.06 19.56 -6.55
C PRO C 50 28.90 18.52 -7.65
N VAL C 51 28.24 17.41 -7.30
CA VAL C 51 28.01 16.35 -8.27
C VAL C 51 27.04 16.80 -9.37
N GLY C 52 26.24 17.83 -9.12
CA GLY C 52 25.30 18.31 -10.11
C GLY C 52 23.93 17.69 -9.95
N ARG C 53 23.27 17.42 -11.07
CA ARG C 53 21.94 16.82 -11.10
C ARG C 53 22.02 15.53 -11.91
N ILE C 54 22.16 14.40 -11.22
CA ILE C 54 22.27 13.10 -11.88
C ILE C 54 20.88 12.65 -12.29
N GLN C 55 20.66 12.53 -13.59
CA GLN C 55 19.37 12.11 -14.15
C GLN C 55 19.51 10.66 -14.61
N MET C 56 19.13 9.73 -13.73
CA MET C 56 19.16 8.32 -14.06
C MET C 56 17.89 7.91 -14.79
N ARG C 57 18.05 7.26 -15.93
CA ARG C 57 16.94 6.84 -16.77
C ARG C 57 16.74 5.33 -16.65
N THR C 58 15.48 4.90 -16.82
CA THR C 58 15.15 3.49 -16.74
C THR C 58 15.52 2.81 -18.06
N ARG C 59 16.30 1.73 -17.96
CA ARG C 59 16.72 0.96 -19.13
C ARG C 59 16.03 -0.39 -19.26
N ARG C 60 15.70 -1.04 -18.13
CA ARG C 60 15.06 -2.34 -18.16
C ARG C 60 13.96 -2.39 -17.13
N THR C 61 12.82 -2.96 -17.51
CA THR C 61 11.65 -3.11 -16.65
C THR C 61 11.31 -4.60 -16.58
N LEU C 62 11.76 -5.25 -15.51
CA LEU C 62 11.51 -6.67 -15.31
C LEU C 62 10.11 -6.85 -14.73
N ARG C 63 9.24 -7.50 -15.50
CA ARG C 63 7.86 -7.78 -15.09
C ARG C 63 7.62 -9.28 -15.13
N GLY C 64 6.63 -9.72 -14.35
CA GLY C 64 6.29 -11.12 -14.29
C GLY C 64 5.92 -11.58 -12.89
N HIS C 65 6.39 -10.84 -11.88
CA HIS C 65 6.07 -11.20 -10.50
C HIS C 65 4.56 -11.10 -10.26
N LEU C 66 4.09 -11.86 -9.27
CA LEU C 66 2.67 -11.91 -8.95
C LEU C 66 2.33 -11.01 -7.77
N ALA C 67 3.01 -11.20 -6.64
CA ALA C 67 2.77 -10.43 -5.43
C ALA C 67 3.87 -9.38 -5.26
N LYS C 68 3.80 -8.66 -4.15
CA LYS C 68 4.78 -7.61 -3.88
C LYS C 68 6.18 -8.19 -3.75
N ILE C 69 7.14 -7.59 -4.45
CA ILE C 69 8.54 -7.98 -4.31
C ILE C 69 9.06 -7.46 -2.99
N TYR C 70 9.92 -8.25 -2.33
CA TYR C 70 10.39 -7.91 -1.00
C TYR C 70 11.90 -7.74 -0.89
N ALA C 71 12.68 -8.37 -1.77
CA ALA C 71 14.13 -8.27 -1.65
C ALA C 71 14.76 -8.68 -2.98
N MET C 72 16.02 -8.28 -3.15
CA MET C 72 16.80 -8.63 -4.32
C MET C 72 18.28 -8.49 -3.96
N HIS C 73 19.12 -9.07 -4.82
CA HIS C 73 20.56 -8.99 -4.62
C HIS C 73 21.26 -9.26 -5.95
N TRP C 74 22.25 -8.44 -6.26
CA TRP C 74 23.00 -8.59 -7.51
C TRP C 74 24.06 -9.68 -7.37
N GLY C 75 24.46 -10.23 -8.52
CA GLY C 75 25.49 -11.23 -8.55
C GLY C 75 26.87 -10.65 -8.80
N THR C 76 27.89 -11.47 -8.53
CA THR C 76 29.27 -11.02 -8.72
C THR C 76 29.59 -10.73 -10.18
N ASP C 77 28.87 -11.35 -11.12
CA ASP C 77 29.10 -11.13 -12.53
C ASP C 77 28.34 -9.92 -13.08
N SER C 78 27.51 -9.27 -12.27
CA SER C 78 26.73 -8.10 -12.68
C SER C 78 25.77 -8.44 -13.83
N ARG C 79 25.43 -9.72 -13.99
CA ARG C 79 24.53 -10.17 -15.04
C ARG C 79 23.21 -10.69 -14.49
N LEU C 80 23.26 -11.62 -13.55
CA LEU C 80 22.06 -12.21 -12.96
C LEU C 80 21.73 -11.50 -11.66
N LEU C 81 20.42 -11.33 -11.41
CA LEU C 81 19.96 -10.71 -10.17
C LEU C 81 18.75 -11.50 -9.66
N VAL C 82 18.78 -11.85 -8.38
CA VAL C 82 17.70 -12.61 -7.76
C VAL C 82 16.70 -11.63 -7.16
N SER C 83 15.43 -12.00 -7.22
CA SER C 83 14.36 -11.20 -6.62
C SER C 83 13.32 -12.14 -6.01
N ALA C 84 12.83 -11.76 -4.83
CA ALA C 84 11.92 -12.58 -4.04
C ALA C 84 10.53 -11.94 -4.03
N SER C 85 9.51 -12.75 -4.28
CA SER C 85 8.12 -12.32 -4.28
C SER C 85 7.35 -13.17 -3.28
N GLN C 86 6.65 -12.49 -2.37
CA GLN C 86 5.93 -13.14 -1.28
C GLN C 86 4.85 -14.10 -1.77
N ASP C 87 4.54 -14.11 -3.07
CA ASP C 87 3.77 -15.21 -3.62
C ASP C 87 4.53 -16.53 -3.55
N GLY C 88 5.79 -16.50 -3.12
CA GLY C 88 6.58 -17.69 -2.98
C GLY C 88 7.41 -17.98 -4.21
N LYS C 89 8.10 -16.97 -4.71
CA LYS C 89 8.87 -17.14 -5.95
C LYS C 89 10.20 -16.41 -5.87
N LEU C 90 11.29 -17.11 -6.18
CA LEU C 90 12.61 -16.52 -6.34
C LEU C 90 12.95 -16.57 -7.82
N ILE C 91 13.01 -15.41 -8.47
CA ILE C 91 13.26 -15.32 -9.90
C ILE C 91 14.63 -14.71 -10.12
N ILE C 92 15.44 -15.37 -10.93
CA ILE C 92 16.78 -14.90 -11.28
C ILE C 92 16.70 -14.33 -12.69
N TRP C 93 16.75 -13.01 -12.80
CA TRP C 93 16.64 -12.31 -14.07
C TRP C 93 18.02 -11.98 -14.63
N ASP C 94 18.17 -12.18 -15.93
CA ASP C 94 19.37 -11.75 -16.65
C ASP C 94 19.17 -10.28 -17.02
N SER C 95 19.83 -9.39 -16.27
CA SER C 95 19.60 -7.96 -16.44
C SER C 95 19.87 -7.49 -17.87
N TYR C 96 20.75 -8.17 -18.60
CA TYR C 96 21.07 -7.73 -19.95
C TYR C 96 19.93 -8.05 -20.92
N THR C 97 19.51 -9.31 -20.96
CA THR C 97 18.47 -9.75 -21.89
C THR C 97 17.10 -9.84 -21.25
N THR C 98 17.00 -9.72 -19.93
CA THR C 98 15.74 -9.82 -19.17
C THR C 98 15.13 -11.22 -19.24
N ASN C 99 15.86 -12.20 -19.78
CA ASN C 99 15.34 -13.55 -19.88
C ASN C 99 15.37 -14.23 -18.51
N LYS C 100 14.26 -14.83 -18.13
CA LYS C 100 14.18 -15.53 -16.86
C LYS C 100 15.07 -16.77 -16.91
N VAL C 101 16.00 -16.86 -15.96
CA VAL C 101 16.94 -17.99 -15.93
C VAL C 101 16.46 -19.09 -15.00
N HIS C 102 16.02 -18.71 -13.80
CA HIS C 102 15.54 -19.68 -12.81
C HIS C 102 14.35 -19.11 -12.08
N ALA C 103 13.37 -19.97 -11.81
CA ALA C 103 12.16 -19.61 -11.06
C ALA C 103 11.94 -20.69 -10.00
N ILE C 104 12.37 -20.41 -8.77
CA ILE C 104 12.31 -21.37 -7.67
C ILE C 104 11.04 -21.11 -6.88
N PRO C 105 10.11 -22.07 -6.77
CA PRO C 105 8.96 -21.89 -5.88
C PRO C 105 9.31 -22.23 -4.44
N LEU C 106 8.82 -21.42 -3.52
CA LEU C 106 9.12 -21.58 -2.10
C LEU C 106 7.95 -22.24 -1.38
N ARG C 107 8.27 -23.10 -0.42
CA ARG C 107 7.22 -23.74 0.38
C ARG C 107 6.49 -22.71 1.23
N SER C 108 7.22 -21.81 1.88
CA SER C 108 6.63 -20.75 2.69
C SER C 108 6.41 -19.53 1.81
N SER C 109 5.13 -19.15 1.65
CA SER C 109 4.80 -18.02 0.78
C SER C 109 5.52 -16.75 1.23
N TRP C 110 5.46 -16.45 2.53
CA TRP C 110 5.96 -15.18 3.06
C TRP C 110 7.47 -15.21 3.13
N VAL C 111 8.12 -14.72 2.06
CA VAL C 111 9.57 -14.58 2.01
C VAL C 111 9.89 -13.10 2.09
N MET C 112 10.86 -12.74 2.95
CA MET C 112 11.18 -11.35 3.22
C MET C 112 12.58 -10.94 2.79
N THR C 113 13.46 -11.89 2.49
CA THR C 113 14.83 -11.55 2.13
C THR C 113 15.41 -12.65 1.24
N CYS C 114 16.32 -12.25 0.35
CA CYS C 114 17.01 -13.17 -0.53
C CYS C 114 18.45 -12.71 -0.70
N ALA C 115 19.32 -13.66 -1.02
CA ALA C 115 20.74 -13.38 -1.16
C ALA C 115 21.33 -14.31 -2.22
N TYR C 116 22.20 -13.74 -3.06
CA TYR C 116 22.87 -14.49 -4.11
C TYR C 116 24.29 -14.79 -3.66
N ALA C 117 24.64 -16.08 -3.65
CA ALA C 117 25.97 -16.47 -3.22
C ALA C 117 27.04 -15.84 -4.13
N PRO C 118 28.26 -15.63 -3.61
CA PRO C 118 29.29 -15.02 -4.46
C PRO C 118 29.75 -15.93 -5.59
N SER C 119 29.73 -17.25 -5.38
CA SER C 119 30.14 -18.19 -6.42
C SER C 119 29.08 -18.42 -7.47
N GLY C 120 27.86 -17.91 -7.26
CA GLY C 120 26.78 -18.11 -8.22
C GLY C 120 26.21 -19.51 -8.24
N ASN C 121 26.56 -20.36 -7.28
CA ASN C 121 26.07 -21.73 -7.25
C ASN C 121 24.90 -21.93 -6.31
N TYR C 122 24.72 -21.07 -5.32
CA TYR C 122 23.65 -21.19 -4.35
C TYR C 122 22.92 -19.87 -4.19
N VAL C 123 21.70 -19.95 -3.70
CA VAL C 123 20.87 -18.77 -3.45
C VAL C 123 20.06 -19.02 -2.18
N ALA C 124 20.14 -18.08 -1.24
CA ALA C 124 19.47 -18.22 0.04
C ALA C 124 18.25 -17.31 0.11
N CYS C 125 17.27 -17.71 0.91
CA CYS C 125 16.04 -16.95 1.06
C CYS C 125 15.46 -17.21 2.45
N GLY C 126 14.71 -16.23 2.94
CA GLY C 126 14.08 -16.35 4.25
C GLY C 126 12.93 -15.39 4.38
N GLY C 127 12.12 -15.61 5.41
CA GLY C 127 10.97 -14.78 5.66
C GLY C 127 10.37 -15.01 7.04
N LEU C 128 9.03 -15.01 7.11
CA LEU C 128 8.37 -15.24 8.40
C LEU C 128 8.84 -16.54 9.03
N ASP C 129 8.98 -17.60 8.22
CA ASP C 129 9.52 -18.85 8.72
C ASP C 129 10.94 -18.64 9.21
N ASN C 130 11.28 -19.28 10.34
CA ASN C 130 12.59 -19.12 10.93
C ASN C 130 13.62 -20.02 10.25
N ILE C 131 13.71 -19.91 8.93
CA ILE C 131 14.63 -20.73 8.15
C ILE C 131 15.12 -19.92 6.96
N CYS C 132 16.44 -19.79 6.83
CA CYS C 132 17.05 -19.16 5.66
C CYS C 132 17.45 -20.27 4.70
N SER C 133 16.45 -20.85 4.06
CA SER C 133 16.67 -22.02 3.19
C SER C 133 17.51 -21.65 1.99
N ILE C 134 18.40 -22.55 1.60
CA ILE C 134 19.30 -22.35 0.47
C ILE C 134 18.93 -23.34 -0.63
N TYR C 135 19.11 -22.89 -1.88
CA TYR C 135 18.83 -23.69 -3.06
C TYR C 135 20.05 -23.68 -3.98
N ASN C 136 20.41 -24.85 -4.49
CA ASN C 136 21.54 -24.98 -5.39
C ASN C 136 21.11 -24.70 -6.83
N LEU C 137 21.90 -23.87 -7.52
CA LEU C 137 21.58 -23.48 -8.89
C LEU C 137 22.41 -24.23 -9.93
N LYS C 138 23.43 -24.98 -9.51
CA LYS C 138 24.32 -25.70 -10.42
C LYS C 138 24.27 -27.20 -10.14
N THR C 139 23.08 -27.74 -9.94
CA THR C 139 22.94 -29.17 -9.71
C THR C 139 23.41 -29.97 -10.92
N ARG C 140 23.76 -31.23 -10.68
CA ARG C 140 24.24 -32.08 -11.76
C ARG C 140 23.13 -32.37 -12.77
N GLU C 141 21.88 -32.41 -12.33
CA GLU C 141 20.75 -32.68 -13.21
C GLU C 141 20.18 -31.44 -13.86
N GLY C 142 20.65 -30.24 -13.47
CA GLY C 142 20.18 -29.00 -14.05
C GLY C 142 19.00 -28.38 -13.34
N ASN C 143 18.31 -29.12 -12.48
CA ASN C 143 17.16 -28.60 -11.76
C ASN C 143 17.58 -28.04 -10.42
N VAL C 144 16.66 -27.33 -9.78
CA VAL C 144 16.88 -26.71 -8.47
C VAL C 144 16.13 -27.51 -7.43
N ARG C 145 16.75 -27.67 -6.26
CA ARG C 145 16.15 -28.42 -5.17
C ARG C 145 16.64 -27.84 -3.84
N VAL C 146 15.93 -28.17 -2.77
CA VAL C 146 16.29 -27.72 -1.44
C VAL C 146 17.63 -28.34 -1.06
N SER C 147 18.63 -27.50 -0.80
CA SER C 147 19.96 -27.97 -0.45
C SER C 147 20.16 -28.10 1.06
N ARG C 148 19.66 -27.14 1.83
CA ARG C 148 19.80 -27.16 3.28
C ARG C 148 18.85 -26.15 3.89
N GLU C 149 18.40 -26.43 5.10
CA GLU C 149 17.50 -25.56 5.85
C GLU C 149 18.14 -25.20 7.17
N LEU C 150 18.36 -23.91 7.39
CA LEU C 150 19.00 -23.39 8.59
C LEU C 150 17.91 -22.91 9.55
N ALA C 151 17.40 -23.83 10.36
CA ALA C 151 16.36 -23.53 11.34
C ALA C 151 16.94 -23.45 12.74
N GLY C 152 16.21 -22.78 13.63
CA GLY C 152 16.63 -22.65 15.00
C GLY C 152 16.30 -21.30 15.61
N HIS C 153 16.00 -20.32 14.77
CA HIS C 153 15.68 -18.99 15.25
C HIS C 153 14.22 -18.93 15.71
N THR C 154 13.95 -17.99 16.61
CA THR C 154 12.61 -17.76 17.14
C THR C 154 11.97 -16.50 16.57
N GLY C 155 12.40 -16.07 15.38
CA GLY C 155 11.85 -14.88 14.76
C GLY C 155 12.05 -14.92 13.26
N TYR C 156 11.31 -14.05 12.59
CA TYR C 156 11.39 -13.98 11.12
C TYR C 156 12.77 -13.54 10.68
N LEU C 157 13.26 -14.15 9.60
CA LEU C 157 14.57 -13.83 9.07
C LEU C 157 14.53 -12.50 8.35
N SER C 158 15.27 -11.52 8.86
CA SER C 158 15.30 -10.20 8.23
C SER C 158 16.25 -10.18 7.04
N CYS C 159 17.42 -10.80 7.17
CA CYS C 159 18.37 -10.85 6.08
C CYS C 159 19.47 -11.85 6.43
N CYS C 160 19.84 -12.68 5.45
CA CYS C 160 20.91 -13.66 5.62
C CYS C 160 21.77 -13.66 4.36
N ARG C 161 22.84 -12.87 4.38
CA ARG C 161 23.74 -12.73 3.25
C ARG C 161 24.82 -13.81 3.29
N PHE C 162 25.39 -14.11 2.12
CA PHE C 162 26.43 -15.11 2.01
C PHE C 162 27.79 -14.51 2.34
N LEU C 163 28.52 -15.14 3.25
CA LEU C 163 29.90 -14.77 3.55
C LEU C 163 30.92 -15.63 2.82
N ASP C 164 30.54 -16.84 2.41
CA ASP C 164 31.42 -17.71 1.64
C ASP C 164 30.60 -18.92 1.21
N ASP C 165 31.23 -19.83 0.46
CA ASP C 165 30.55 -21.01 -0.03
C ASP C 165 30.25 -22.03 1.07
N ASN C 166 30.67 -21.78 2.30
CA ASN C 166 30.44 -22.70 3.41
C ASN C 166 29.76 -22.03 4.60
N GLN C 167 30.07 -20.77 4.88
CA GLN C 167 29.50 -20.04 6.00
C GLN C 167 28.48 -19.04 5.51
N ILE C 168 27.47 -18.77 6.34
CA ILE C 168 26.42 -17.83 5.99
C ILE C 168 25.88 -17.20 7.28
N VAL C 169 25.78 -15.89 7.31
CA VAL C 169 25.24 -15.16 8.45
C VAL C 169 23.74 -14.97 8.23
N THR C 170 22.99 -14.97 9.32
CA THR C 170 21.54 -14.80 9.28
C THR C 170 21.09 -13.97 10.46
N SER C 171 20.37 -12.89 10.18
CA SER C 171 19.79 -12.03 11.20
C SER C 171 18.31 -12.36 11.38
N SER C 172 17.91 -12.57 12.63
CA SER C 172 16.55 -12.96 12.96
C SER C 172 15.87 -11.85 13.76
N GLY C 173 14.54 -11.94 13.84
CA GLY C 173 13.76 -10.99 14.60
C GLY C 173 13.78 -11.19 16.09
N ASP C 174 14.51 -12.20 16.57
CA ASP C 174 14.63 -12.47 18.00
C ASP C 174 15.73 -11.66 18.67
N THR C 175 16.17 -10.57 18.02
CA THR C 175 17.21 -9.69 18.54
C THR C 175 18.59 -10.35 18.55
N THR C 176 18.79 -11.36 17.70
CA THR C 176 20.06 -12.08 17.66
C THR C 176 20.38 -12.47 16.23
N CYS C 177 21.66 -12.71 15.97
CA CYS C 177 22.15 -13.16 14.68
C CYS C 177 22.97 -14.43 14.88
N ALA C 178 23.06 -15.24 13.82
CA ALA C 178 23.73 -16.52 13.90
C ALA C 178 24.50 -16.82 12.61
N LEU C 179 25.70 -17.37 12.77
CA LEU C 179 26.53 -17.79 11.64
C LEU C 179 26.45 -19.30 11.52
N TRP C 180 25.90 -19.77 10.40
CA TRP C 180 25.71 -21.19 10.16
C TRP C 180 26.69 -21.69 9.10
N ASP C 181 26.91 -23.00 9.11
CA ASP C 181 27.72 -23.68 8.11
C ASP C 181 26.80 -24.45 7.17
N ILE C 182 26.90 -24.16 5.87
CA ILE C 182 26.03 -24.79 4.89
C ILE C 182 26.18 -26.31 4.93
N GLU C 183 27.37 -26.80 5.28
CA GLU C 183 27.60 -28.25 5.32
C GLU C 183 26.82 -28.89 6.46
N THR C 184 27.07 -28.44 7.69
CA THR C 184 26.41 -29.01 8.86
C THR C 184 25.08 -28.34 9.16
N GLY C 185 25.02 -27.01 9.04
CA GLY C 185 23.78 -26.29 9.32
C GLY C 185 23.56 -25.98 10.79
N GLN C 186 24.64 -25.85 11.56
CA GLN C 186 24.54 -25.56 12.98
C GLN C 186 25.13 -24.19 13.27
N GLN C 187 24.66 -23.57 14.34
CA GLN C 187 25.12 -22.24 14.72
C GLN C 187 26.59 -22.30 15.11
N THR C 188 27.42 -21.53 14.41
CA THR C 188 28.85 -21.45 14.70
C THR C 188 29.21 -20.26 15.57
N THR C 189 28.50 -19.15 15.42
CA THR C 189 28.75 -17.96 16.22
C THR C 189 27.44 -17.22 16.42
N THR C 190 27.13 -16.89 17.67
CA THR C 190 25.88 -16.24 18.03
C THR C 190 26.16 -14.81 18.50
N PHE C 191 25.28 -13.90 18.12
CA PHE C 191 25.36 -12.49 18.49
C PHE C 191 24.04 -12.09 19.14
N THR C 192 24.10 -11.71 20.41
CA THR C 192 22.92 -11.38 21.21
C THR C 192 23.08 -10.03 21.89
N GLY C 193 23.53 -9.04 21.12
CA GLY C 193 23.71 -7.70 21.66
C GLY C 193 22.52 -6.80 21.44
N HIS C 194 21.89 -6.91 20.27
CA HIS C 194 20.76 -6.05 19.93
C HIS C 194 19.60 -6.28 20.89
N THR C 195 18.85 -5.21 21.14
CA THR C 195 17.66 -5.26 21.98
C THR C 195 16.37 -5.36 21.17
N GLY C 196 16.36 -4.84 19.95
CA GLY C 196 15.20 -4.91 19.08
C GLY C 196 15.41 -5.89 17.94
N ASP C 197 14.34 -6.09 17.17
CA ASP C 197 14.39 -7.01 16.03
C ASP C 197 15.38 -6.50 15.00
N VAL C 198 16.37 -7.34 14.67
CA VAL C 198 17.36 -6.98 13.66
C VAL C 198 16.67 -6.87 12.30
N MET C 199 16.79 -5.71 11.67
CA MET C 199 16.11 -5.43 10.41
C MET C 199 16.99 -5.61 9.18
N SER C 200 18.29 -5.33 9.29
CA SER C 200 19.16 -5.43 8.14
C SER C 200 20.60 -5.59 8.60
N LEU C 201 21.45 -6.05 7.69
CA LEU C 201 22.87 -6.23 7.96
C LEU C 201 23.65 -5.85 6.70
N SER C 202 24.94 -5.56 6.91
CA SER C 202 25.83 -5.19 5.82
C SER C 202 27.22 -5.73 6.13
N LEU C 203 27.76 -6.53 5.21
CA LEU C 203 29.08 -7.11 5.39
C LEU C 203 30.16 -6.14 4.91
N ALA C 204 31.38 -6.40 5.37
CA ALA C 204 32.53 -5.61 4.97
C ALA C 204 33.17 -6.17 3.71
N PRO C 205 34.01 -5.39 3.02
CA PRO C 205 34.66 -5.91 1.81
C PRO C 205 35.47 -7.17 2.06
N ASP C 206 36.11 -7.28 3.22
CA ASP C 206 36.94 -8.44 3.55
C ASP C 206 36.17 -9.54 4.25
N THR C 207 34.86 -9.36 4.47
CA THR C 207 34.02 -10.35 5.13
C THR C 207 34.50 -10.65 6.55
N ARG C 208 35.25 -9.73 7.16
CA ARG C 208 35.74 -9.92 8.52
C ARG C 208 34.80 -9.31 9.56
N LEU C 209 34.30 -8.10 9.29
CA LEU C 209 33.37 -7.42 10.19
C LEU C 209 32.08 -7.13 9.43
N PHE C 210 30.98 -7.03 10.17
CA PHE C 210 29.69 -6.72 9.58
C PHE C 210 28.85 -5.93 10.56
N VAL C 211 28.09 -4.97 10.04
CA VAL C 211 27.22 -4.12 10.85
C VAL C 211 25.79 -4.65 10.75
N SER C 212 25.02 -4.43 11.81
CA SER C 212 23.63 -4.87 11.85
C SER C 212 22.79 -3.81 12.55
N GLY C 213 21.61 -3.54 11.99
CA GLY C 213 20.68 -2.57 12.55
C GLY C 213 19.45 -3.28 13.10
N ALA C 214 18.88 -2.71 14.16
CA ALA C 214 17.72 -3.27 14.83
C ALA C 214 16.67 -2.19 15.02
N CYS C 215 15.56 -2.55 15.66
CA CYS C 215 14.46 -1.65 15.91
C CYS C 215 14.65 -0.82 17.18
N ASP C 216 15.86 -0.76 17.72
CA ASP C 216 16.16 0.01 18.90
C ASP C 216 16.90 1.31 18.58
N ALA C 217 16.88 1.74 17.32
CA ALA C 217 17.56 2.96 16.90
C ALA C 217 19.05 2.89 17.20
N SER C 218 19.64 1.71 17.00
CA SER C 218 21.06 1.50 17.28
C SER C 218 21.61 0.47 16.32
N ALA C 219 22.82 0.73 15.82
CA ALA C 219 23.55 -0.18 14.96
C ALA C 219 24.74 -0.76 15.74
N LYS C 220 25.10 -2.00 15.40
CA LYS C 220 26.16 -2.69 16.11
C LYS C 220 27.07 -3.41 15.13
N LEU C 221 28.37 -3.27 15.35
CA LEU C 221 29.37 -3.95 14.54
C LEU C 221 29.76 -5.27 15.23
N TRP C 222 30.05 -6.28 14.41
CA TRP C 222 30.40 -7.59 14.92
C TRP C 222 31.51 -8.19 14.08
N ASP C 223 32.48 -8.83 14.74
CA ASP C 223 33.58 -9.51 14.08
C ASP C 223 33.23 -10.97 13.90
N VAL C 224 33.38 -11.47 12.67
CA VAL C 224 33.06 -12.87 12.38
C VAL C 224 34.05 -13.82 13.05
N ARG C 225 35.24 -13.34 13.40
CA ARG C 225 36.25 -14.20 14.02
C ARG C 225 35.97 -14.40 15.50
N GLU C 226 35.82 -13.30 16.25
CA GLU C 226 35.59 -13.38 17.69
C GLU C 226 34.11 -13.43 18.04
N GLY C 227 33.28 -12.66 17.32
CA GLY C 227 31.87 -12.64 17.60
C GLY C 227 31.48 -11.78 18.78
N MET C 228 32.04 -10.59 18.90
CA MET C 228 31.76 -9.67 19.99
C MET C 228 31.47 -8.29 19.45
N CYS C 229 30.59 -7.57 20.13
CA CYS C 229 30.23 -6.21 19.74
C CYS C 229 31.36 -5.26 20.13
N ARG C 230 32.09 -4.75 19.15
CA ARG C 230 33.19 -3.85 19.40
C ARG C 230 32.80 -2.38 19.37
N GLN C 231 31.77 -2.04 18.59
CA GLN C 231 31.34 -0.65 18.44
C GLN C 231 29.82 -0.61 18.33
N THR C 232 29.22 0.39 18.97
CA THR C 232 27.78 0.61 18.94
C THR C 232 27.52 2.06 18.56
N PHE C 233 26.64 2.27 17.59
CA PHE C 233 26.32 3.61 17.09
C PHE C 233 24.85 3.91 17.31
N THR C 234 24.57 5.15 17.70
CA THR C 234 23.21 5.62 17.94
C THR C 234 23.03 6.99 17.30
N GLY C 235 21.81 7.51 17.39
CA GLY C 235 21.51 8.81 16.81
C GLY C 235 20.15 8.85 16.15
N HIS C 236 19.66 7.71 15.70
CA HIS C 236 18.36 7.64 15.04
C HIS C 236 17.25 7.83 16.05
N GLU C 237 16.10 8.31 15.55
CA GLU C 237 14.93 8.56 16.39
C GLU C 237 13.88 7.47 16.29
N SER C 238 14.06 6.48 15.42
CA SER C 238 13.10 5.40 15.25
C SER C 238 13.85 4.14 14.84
N ASP C 239 13.10 3.14 14.40
CA ASP C 239 13.69 1.86 14.00
C ASP C 239 14.54 2.03 12.75
N ILE C 240 15.73 1.43 12.77
CA ILE C 240 16.63 1.45 11.61
C ILE C 240 16.17 0.38 10.65
N ASN C 241 15.76 0.79 9.45
CA ASN C 241 15.26 -0.14 8.45
C ASN C 241 16.37 -0.73 7.60
N ALA C 242 17.23 0.11 7.04
CA ALA C 242 18.28 -0.35 6.14
C ALA C 242 19.65 0.08 6.65
N ILE C 243 20.66 -0.69 6.29
CA ILE C 243 22.04 -0.40 6.68
C ILE C 243 22.96 -0.95 5.59
N CYS C 244 23.91 -0.14 5.15
CA CYS C 244 24.83 -0.56 4.09
C CYS C 244 26.23 0.00 4.36
N PHE C 245 27.23 -0.87 4.27
CA PHE C 245 28.61 -0.45 4.46
C PHE C 245 29.05 0.52 3.37
N PHE C 246 30.13 1.25 3.65
CA PHE C 246 30.73 2.14 2.66
C PHE C 246 31.69 1.36 1.77
N PRO C 247 31.80 1.72 0.49
CA PRO C 247 32.70 0.97 -0.40
C PRO C 247 34.11 0.78 0.14
N ASN C 248 34.58 1.68 1.01
CA ASN C 248 35.92 1.52 1.57
C ASN C 248 35.94 0.63 2.80
N GLY C 249 34.79 0.42 3.44
CA GLY C 249 34.71 -0.43 4.62
C GLY C 249 34.97 0.28 5.93
N ASN C 250 35.23 1.59 5.91
CA ASN C 250 35.49 2.34 7.13
C ASN C 250 34.26 3.03 7.70
N ALA C 251 33.20 3.18 6.90
CA ALA C 251 31.98 3.83 7.36
C ALA C 251 30.78 3.03 6.85
N PHE C 252 29.59 3.45 7.26
CA PHE C 252 28.36 2.79 6.84
C PHE C 252 27.18 3.74 7.05
N ALA C 253 26.22 3.66 6.13
CA ALA C 253 25.02 4.48 6.19
C ALA C 253 23.85 3.66 6.73
N THR C 254 22.96 4.34 7.45
CA THR C 254 21.80 3.73 8.08
C THR C 254 20.58 4.59 7.81
N GLY C 255 19.51 3.96 7.33
CA GLY C 255 18.25 4.64 7.10
C GLY C 255 17.14 4.08 7.97
N SER C 256 16.45 4.95 8.69
CA SER C 256 15.41 4.58 9.65
C SER C 256 14.07 5.17 9.21
N ASP C 257 13.07 5.02 10.07
CA ASP C 257 11.73 5.52 9.79
C ASP C 257 11.60 7.02 10.03
N ASP C 258 12.62 7.67 10.57
CA ASP C 258 12.57 9.10 10.86
C ASP C 258 12.81 9.96 9.63
N ALA C 259 12.77 9.38 8.43
CA ALA C 259 12.99 10.13 7.19
C ALA C 259 14.36 10.81 7.20
N THR C 260 15.36 10.10 7.70
CA THR C 260 16.71 10.64 7.81
C THR C 260 17.72 9.52 7.72
N CYS C 261 18.75 9.72 6.90
CA CYS C 261 19.86 8.77 6.78
C CYS C 261 21.08 9.34 7.51
N ARG C 262 21.81 8.45 8.19
CA ARG C 262 22.95 8.85 9.01
C ARG C 262 24.17 8.02 8.63
N LEU C 263 25.30 8.68 8.45
CA LEU C 263 26.57 8.03 8.12
C LEU C 263 27.43 7.95 9.37
N PHE C 264 27.80 6.73 9.76
CA PHE C 264 28.62 6.49 10.94
C PHE C 264 29.93 5.87 10.52
N ASP C 265 31.04 6.43 11.00
CA ASP C 265 32.37 5.92 10.69
C ASP C 265 32.85 5.03 11.83
N LEU C 266 33.40 3.86 11.47
CA LEU C 266 33.90 2.94 12.48
C LEU C 266 35.15 3.46 13.17
N ARG C 267 36.01 4.18 12.43
CA ARG C 267 37.25 4.67 13.00
C ARG C 267 37.03 5.90 13.87
N ALA C 268 36.06 6.74 13.53
CA ALA C 268 35.77 7.93 14.32
C ALA C 268 34.77 7.66 15.44
N ASP C 269 33.87 6.70 15.25
CA ASP C 269 32.88 6.34 16.27
C ASP C 269 31.95 7.51 16.55
N GLN C 270 31.42 8.11 15.49
CA GLN C 270 30.51 9.24 15.61
C GLN C 270 29.94 9.55 14.24
N GLU C 271 28.73 10.12 14.24
CA GLU C 271 28.08 10.48 12.99
C GLU C 271 28.84 11.61 12.30
N LEU C 272 28.99 11.50 10.98
CA LEU C 272 29.72 12.49 10.20
C LEU C 272 28.77 13.52 9.58
N MET C 273 27.73 13.05 8.88
CA MET C 273 26.80 13.94 8.21
C MET C 273 25.42 13.32 8.24
N THR C 274 24.40 14.18 8.24
CA THR C 274 23.00 13.76 8.27
C THR C 274 22.33 14.13 6.96
N TYR C 275 21.54 13.20 6.43
CA TYR C 275 20.80 13.40 5.18
C TYR C 275 19.31 13.42 5.51
N SER C 276 18.67 14.57 5.33
CA SER C 276 17.26 14.70 5.62
C SER C 276 16.74 15.98 4.95
N HIS C 277 15.41 16.07 4.86
CA HIS C 277 14.77 17.22 4.26
C HIS C 277 13.38 17.38 4.86
N ASP C 278 12.93 18.64 4.97
CA ASP C 278 11.63 18.90 5.56
C ASP C 278 10.51 18.28 4.73
N ASN C 279 10.64 18.32 3.41
CA ASN C 279 9.60 17.77 2.54
C ASN C 279 9.49 16.25 2.66
N ILE C 280 10.49 15.59 3.24
CA ILE C 280 10.49 14.14 3.39
C ILE C 280 10.15 13.81 4.83
N ILE C 281 9.04 13.11 5.03
CA ILE C 281 8.59 12.73 6.37
C ILE C 281 8.25 11.24 6.39
N CYS C 282 8.73 10.51 5.38
CA CYS C 282 8.47 9.09 5.26
C CYS C 282 9.73 8.29 5.58
N GLY C 283 9.53 7.04 6.01
CA GLY C 283 10.65 6.21 6.39
C GLY C 283 11.45 5.72 5.20
N ILE C 284 12.64 5.22 5.49
CA ILE C 284 13.55 4.69 4.49
C ILE C 284 13.39 3.18 4.43
N THR C 285 13.49 2.63 3.22
CA THR C 285 13.36 1.19 3.00
C THR C 285 14.60 0.55 2.39
N SER C 286 15.43 1.32 1.69
CA SER C 286 16.62 0.80 1.05
C SER C 286 17.70 1.86 1.03
N VAL C 287 18.95 1.41 1.04
CA VAL C 287 20.12 2.29 0.96
C VAL C 287 21.23 1.53 0.26
N SER C 288 21.97 2.23 -0.59
CA SER C 288 23.07 1.61 -1.32
C SER C 288 24.03 2.70 -1.80
N PHE C 289 25.32 2.39 -1.79
CA PHE C 289 26.36 3.29 -2.24
C PHE C 289 26.86 2.88 -3.62
N SER C 290 27.29 3.87 -4.40
CA SER C 290 27.88 3.60 -5.70
C SER C 290 29.27 2.97 -5.52
N LYS C 291 29.92 2.65 -6.63
CA LYS C 291 31.26 2.07 -6.58
C LYS C 291 32.24 3.02 -5.90
N SER C 292 32.01 4.33 -6.02
CA SER C 292 32.89 5.32 -5.40
C SER C 292 32.38 5.79 -4.05
N GLY C 293 31.08 5.67 -3.79
CA GLY C 293 30.51 6.11 -2.53
C GLY C 293 30.09 7.55 -2.50
N ARG C 294 30.35 8.32 -3.55
CA ARG C 294 29.97 9.73 -3.56
C ARG C 294 28.46 9.90 -3.55
N LEU C 295 27.73 8.99 -4.18
CA LEU C 295 26.27 9.05 -4.25
C LEU C 295 25.66 7.95 -3.39
N LEU C 296 24.62 8.31 -2.64
CA LEU C 296 23.88 7.39 -1.78
C LEU C 296 22.45 7.30 -2.31
N LEU C 297 22.06 6.12 -2.78
CA LEU C 297 20.73 5.90 -3.31
C LEU C 297 19.86 5.32 -2.20
N ALA C 298 18.86 6.09 -1.76
CA ALA C 298 17.99 5.70 -0.67
C ALA C 298 16.55 5.65 -1.14
N GLY C 299 15.89 4.52 -0.92
CA GLY C 299 14.50 4.36 -1.30
C GLY C 299 13.57 4.78 -0.16
N TYR C 300 12.50 5.48 -0.53
CA TYR C 300 11.54 5.99 0.43
C TYR C 300 10.15 5.45 0.11
N ASP C 301 9.24 5.59 1.08
CA ASP C 301 7.87 5.12 0.93
C ASP C 301 7.03 6.04 0.03
N ASP C 302 7.60 7.13 -0.48
CA ASP C 302 6.87 8.04 -1.36
C ASP C 302 6.86 7.59 -2.81
N PHE C 303 7.14 6.31 -3.08
CA PHE C 303 7.14 5.72 -4.41
C PHE C 303 8.33 6.17 -5.24
N ASN C 304 9.30 6.86 -4.64
CA ASN C 304 10.47 7.35 -5.37
C ASN C 304 11.72 7.11 -4.52
N CYS C 305 12.87 7.29 -5.14
CA CYS C 305 14.16 7.16 -4.48
C CYS C 305 14.97 8.43 -4.66
N ASN C 306 15.86 8.70 -3.72
CA ASN C 306 16.66 9.91 -3.72
C ASN C 306 18.14 9.58 -3.81
N VAL C 307 18.87 10.34 -4.60
CA VAL C 307 20.31 10.18 -4.76
C VAL C 307 20.96 11.35 -4.03
N TRP C 308 21.37 11.12 -2.79
CA TRP C 308 22.00 12.15 -1.98
C TRP C 308 23.51 12.17 -2.19
N ASP C 309 24.12 13.31 -1.91
CA ASP C 309 25.56 13.48 -1.99
C ASP C 309 26.16 13.09 -0.63
N ALA C 310 26.96 12.02 -0.63
CA ALA C 310 27.53 11.53 0.62
C ALA C 310 28.38 12.59 1.31
N LEU C 311 28.96 13.51 0.54
CA LEU C 311 29.84 14.54 1.09
C LEU C 311 29.19 15.91 1.17
N LYS C 312 27.99 16.09 0.62
CA LYS C 312 27.31 17.38 0.66
C LYS C 312 25.84 17.28 1.06
N ALA C 313 25.27 16.08 1.15
CA ALA C 313 23.88 15.89 1.55
C ALA C 313 22.90 16.54 0.59
N ASP C 314 23.34 16.83 -0.63
CA ASP C 314 22.49 17.44 -1.64
C ASP C 314 21.82 16.36 -2.48
N ARG C 315 20.50 16.44 -2.61
CA ARG C 315 19.75 15.48 -3.41
C ARG C 315 20.02 15.75 -4.88
N ALA C 316 20.75 14.84 -5.54
CA ALA C 316 21.15 15.03 -6.93
C ALA C 316 20.12 14.50 -7.92
N GLY C 317 19.31 13.53 -7.53
CA GLY C 317 18.34 12.96 -8.45
C GLY C 317 17.19 12.32 -7.72
N VAL C 318 16.01 12.36 -8.34
CA VAL C 318 14.79 11.78 -7.79
C VAL C 318 14.32 10.74 -8.79
N LEU C 319 14.57 9.46 -8.51
CA LEU C 319 14.14 8.36 -9.36
C LEU C 319 12.67 8.06 -9.05
N ALA C 320 11.79 8.43 -9.98
CA ALA C 320 10.36 8.24 -9.82
C ALA C 320 9.83 7.37 -10.96
N GLY C 321 8.64 6.80 -10.74
CA GLY C 321 8.01 5.95 -11.72
C GLY C 321 7.28 4.78 -11.10
N HIS C 322 7.63 4.44 -9.87
CA HIS C 322 6.98 3.34 -9.17
C HIS C 322 5.62 3.79 -8.64
N ASP C 323 4.70 2.82 -8.53
CA ASP C 323 3.35 3.07 -8.05
C ASP C 323 3.10 2.47 -6.68
N ASN C 324 4.14 2.08 -5.96
CA ASN C 324 3.99 1.48 -4.64
C ASN C 324 5.28 1.67 -3.86
N ARG C 325 5.25 1.23 -2.60
CA ARG C 325 6.40 1.40 -1.73
C ARG C 325 7.61 0.67 -2.30
N VAL C 326 8.78 1.32 -2.22
CA VAL C 326 10.02 0.71 -2.66
C VAL C 326 10.49 -0.27 -1.59
N SER C 327 10.75 -1.51 -2.01
CA SER C 327 11.12 -2.58 -1.08
C SER C 327 12.61 -2.85 -1.04
N CYS C 328 13.29 -2.79 -2.19
CA CYS C 328 14.70 -3.14 -2.25
C CYS C 328 15.40 -2.28 -3.28
N LEU C 329 16.68 -2.00 -3.02
CA LEU C 329 17.52 -1.23 -3.94
C LEU C 329 18.92 -1.83 -3.90
N GLY C 330 19.45 -2.18 -5.07
CA GLY C 330 20.75 -2.81 -5.14
C GLY C 330 21.61 -2.30 -6.28
N VAL C 331 22.82 -1.88 -5.97
CA VAL C 331 23.78 -1.38 -6.95
C VAL C 331 24.73 -2.50 -7.33
N THR C 332 25.13 -2.54 -8.59
CA THR C 332 26.03 -3.57 -9.07
C THR C 332 27.42 -3.39 -8.46
N ASP C 333 28.22 -4.46 -8.53
CA ASP C 333 29.58 -4.39 -8.00
C ASP C 333 30.42 -3.37 -8.75
N ASP C 334 30.18 -3.21 -10.05
CA ASP C 334 30.91 -2.24 -10.86
C ASP C 334 30.25 -0.86 -10.87
N GLY C 335 29.20 -0.66 -10.09
CA GLY C 335 28.53 0.63 -10.07
C GLY C 335 27.96 1.04 -11.40
N MET C 336 27.62 0.07 -12.26
CA MET C 336 27.09 0.39 -13.58
C MET C 336 25.62 0.79 -13.51
N ALA C 337 24.80 -0.03 -12.89
CA ALA C 337 23.36 0.23 -12.82
C ALA C 337 22.87 -0.12 -11.42
N VAL C 338 21.64 0.31 -11.13
CA VAL C 338 20.99 0.06 -9.85
C VAL C 338 19.59 -0.48 -10.11
N ALA C 339 19.25 -1.59 -9.47
CA ALA C 339 17.95 -2.22 -9.61
C ALA C 339 17.10 -1.90 -8.39
N THR C 340 15.90 -1.38 -8.63
CA THR C 340 14.95 -1.02 -7.59
C THR C 340 13.71 -1.88 -7.76
N GLY C 341 13.33 -2.60 -6.68
CA GLY C 341 12.14 -3.41 -6.68
C GLY C 341 11.14 -2.93 -5.64
N SER C 342 9.90 -2.71 -6.06
CA SER C 342 8.84 -2.20 -5.21
C SER C 342 7.74 -3.25 -5.09
N TRP C 343 6.72 -2.92 -4.28
CA TRP C 343 5.58 -3.82 -4.08
C TRP C 343 4.68 -3.91 -5.30
N ASP C 344 4.97 -3.16 -6.37
CA ASP C 344 4.14 -3.19 -7.58
C ASP C 344 4.39 -4.46 -8.41
N SER C 345 5.26 -5.35 -7.97
CA SER C 345 5.55 -6.60 -8.69
C SER C 345 6.35 -6.36 -9.96
N PHE C 346 7.12 -5.26 -9.99
CA PHE C 346 7.97 -4.94 -11.13
C PHE C 346 9.28 -4.36 -10.62
N LEU C 347 10.37 -4.67 -11.32
CA LEU C 347 11.68 -4.13 -10.99
C LEU C 347 12.12 -3.19 -12.10
N LYS C 348 12.81 -2.11 -11.73
CA LYS C 348 13.29 -1.12 -12.68
C LYS C 348 14.79 -0.94 -12.50
N ILE C 349 15.53 -1.02 -13.61
CA ILE C 349 16.98 -0.87 -13.59
C ILE C 349 17.33 0.49 -14.18
N TRP C 350 18.06 1.30 -13.42
CA TRP C 350 18.49 2.62 -13.84
C TRP C 350 20.00 2.63 -14.02
N ASN C 351 20.46 3.10 -15.17
CA ASN C 351 21.73 3.28 -15.86
C ASN C 351 21.63 4.44 -16.86
N GLN D 23 20.92 9.79 22.06
CA GLN D 23 20.13 8.54 22.13
C GLN D 23 18.75 8.79 22.73
N VAL D 24 17.77 7.98 22.35
CA VAL D 24 16.43 8.13 22.86
C VAL D 24 16.43 7.85 24.36
N GLN D 25 15.87 8.78 25.14
CA GLN D 25 15.83 8.65 26.58
C GLN D 25 14.56 9.29 27.12
N LEU D 26 13.90 8.59 28.04
CA LEU D 26 12.69 9.08 28.71
C LEU D 26 12.85 8.84 30.20
N GLN D 27 12.84 9.92 30.98
CA GLN D 27 13.03 9.84 32.44
C GLN D 27 11.76 10.33 33.12
N GLU D 28 11.14 9.46 33.92
CA GLU D 28 9.91 9.78 34.62
C GLU D 28 10.22 10.12 36.08
N SER D 29 9.39 11.01 36.64
CA SER D 29 9.54 11.42 38.03
C SER D 29 8.18 11.85 38.56
N GLY D 30 8.08 11.93 39.89
CA GLY D 30 6.87 12.34 40.56
C GLY D 30 6.17 11.24 41.33
N GLY D 31 6.60 9.98 41.17
CA GLY D 31 5.97 8.90 41.89
C GLY D 31 6.38 8.84 43.35
N GLY D 32 5.44 8.41 44.18
CA GLY D 32 5.71 8.32 45.61
C GLY D 32 4.51 7.73 46.33
N LEU D 33 4.67 7.58 47.64
CA LEU D 33 3.61 7.03 48.47
C LEU D 33 2.56 8.11 48.76
N VAL D 34 1.29 7.73 48.63
CA VAL D 34 0.18 8.66 48.86
C VAL D 34 -1.03 7.86 49.32
N GLN D 35 -1.80 8.44 50.23
CA GLN D 35 -2.99 7.77 50.75
C GLN D 35 -4.11 7.80 49.71
N PRO D 36 -5.13 6.96 49.89
CA PRO D 36 -6.24 6.96 48.94
C PRO D 36 -6.90 8.33 48.85
N GLY D 37 -7.32 8.69 47.64
CA GLY D 37 -7.96 9.96 47.38
C GLY D 37 -7.02 11.10 47.08
N GLY D 38 -5.71 10.91 47.23
CA GLY D 38 -4.75 11.96 46.95
C GLY D 38 -4.60 12.22 45.46
N SER D 39 -3.53 12.92 45.09
CA SER D 39 -3.27 13.23 43.69
C SER D 39 -1.77 13.26 43.46
N LEU D 40 -1.37 13.03 42.21
CA LEU D 40 0.04 12.99 41.86
C LEU D 40 0.24 13.55 40.47
N ARG D 41 1.30 14.33 40.31
CA ARG D 41 1.65 14.94 39.02
C ARG D 41 2.94 14.29 38.54
N LEU D 42 2.79 13.32 37.63
CA LEU D 42 3.95 12.65 37.05
C LEU D 42 4.47 13.45 35.87
N SER D 43 5.79 13.62 35.79
CA SER D 43 6.43 14.38 34.73
C SER D 43 7.48 13.50 34.07
N CYS D 44 7.43 13.41 32.75
CA CYS D 44 8.39 12.63 31.96
C CYS D 44 9.14 13.58 31.05
N ALA D 45 10.47 13.59 31.16
CA ALA D 45 11.34 14.38 30.32
C ALA D 45 11.93 13.49 29.23
N ALA D 46 11.82 13.93 27.98
CA ALA D 46 12.30 13.18 26.84
C ALA D 46 13.51 13.89 26.21
N SER D 47 14.40 13.09 25.64
CA SER D 47 15.59 13.62 24.97
C SER D 47 16.02 12.65 23.89
N GLY D 48 16.64 13.20 22.85
CA GLY D 48 17.14 12.40 21.75
C GLY D 48 16.24 12.35 20.53
N PHE D 49 15.18 13.14 20.48
CA PHE D 49 14.26 13.14 19.34
C PHE D 49 13.35 14.35 19.47
N THR D 50 12.62 14.62 18.39
CA THR D 50 11.69 15.75 18.35
C THR D 50 10.41 15.35 19.07
N PHE D 51 10.29 15.75 20.34
CA PHE D 51 9.12 15.40 21.13
C PHE D 51 7.83 15.91 20.52
N SER D 52 7.89 16.96 19.70
CA SER D 52 6.69 17.55 19.13
C SER D 52 6.12 16.74 17.98
N ASN D 53 6.89 15.82 17.41
CA ASN D 53 6.47 15.03 16.26
C ASN D 53 6.38 13.55 16.58
N TYR D 54 5.81 13.22 17.75
CA TYR D 54 5.62 11.83 18.14
C TYR D 54 4.40 11.72 19.03
N LYS D 55 3.63 10.64 18.84
CA LYS D 55 2.45 10.36 19.64
C LYS D 55 2.87 9.61 20.90
N MET D 56 2.38 10.05 22.05
CA MET D 56 2.83 9.53 23.33
C MET D 56 1.71 8.77 24.02
N ASN D 57 2.09 7.84 24.90
CA ASN D 57 1.15 7.05 25.66
C ASN D 57 1.70 6.81 27.06
N TRP D 58 0.78 6.67 28.02
CA TRP D 58 1.11 6.33 29.40
C TRP D 58 0.50 4.96 29.69
N VAL D 59 1.33 4.03 30.16
CA VAL D 59 0.88 2.69 30.52
C VAL D 59 1.28 2.44 31.97
N ARG D 60 0.74 1.36 32.53
CA ARG D 60 1.03 0.99 33.91
C ARG D 60 1.07 -0.54 34.04
N GLN D 61 1.94 -1.01 34.92
CA GLN D 61 2.11 -2.44 35.19
C GLN D 61 2.01 -2.65 36.69
N ALA D 62 1.07 -3.50 37.11
CA ALA D 62 0.84 -3.78 38.51
C ALA D 62 1.54 -5.07 38.94
N PRO D 63 1.72 -5.28 40.24
CA PRO D 63 2.38 -6.52 40.70
C PRO D 63 1.61 -7.76 40.24
N GLY D 64 2.28 -8.58 39.46
CA GLY D 64 1.71 -9.81 38.93
C GLY D 64 1.07 -9.68 37.57
N LYS D 65 0.38 -8.56 37.34
CA LYS D 65 -0.28 -8.32 36.06
C LYS D 65 0.74 -7.85 35.02
N GLY D 66 0.26 -7.60 33.81
CA GLY D 66 1.09 -7.15 32.72
C GLY D 66 0.96 -5.66 32.45
N LEU D 67 1.53 -5.24 31.33
CA LEU D 67 1.49 -3.83 30.94
C LEU D 67 0.05 -3.43 30.61
N GLU D 68 -0.46 -2.43 31.34
CA GLU D 68 -1.82 -1.94 31.16
C GLU D 68 -1.77 -0.52 30.60
N TRP D 69 -2.48 -0.29 29.50
CA TRP D 69 -2.53 1.03 28.90
C TRP D 69 -3.40 1.96 29.73
N VAL D 70 -2.89 3.16 30.01
CA VAL D 70 -3.60 4.12 30.84
C VAL D 70 -4.22 5.20 29.97
N SER D 71 -3.39 5.92 29.22
CA SER D 71 -3.85 7.05 28.43
C SER D 71 -2.97 7.22 27.20
N ASP D 72 -3.42 8.11 26.31
CA ASP D 72 -2.70 8.38 25.07
C ASP D 72 -2.98 9.81 24.64
N ILE D 73 -1.95 10.48 24.10
CA ILE D 73 -2.06 11.85 23.62
C ILE D 73 -1.30 11.98 22.32
N SER D 74 -1.84 12.77 21.39
CA SER D 74 -1.27 12.94 20.07
C SER D 74 -0.12 13.95 20.15
N GLN D 75 0.36 14.39 18.98
CA GLN D 75 1.48 15.32 18.93
C GLN D 75 1.10 16.69 19.49
N SER D 76 0.10 17.34 18.86
CA SER D 76 -0.31 18.66 19.33
C SER D 76 -1.07 18.59 20.64
N GLY D 77 -1.85 17.53 20.82
CA GLY D 77 -2.63 17.33 22.04
C GLY D 77 -4.13 17.47 21.85
N ALA D 78 -4.61 17.76 20.64
CA ALA D 78 -6.04 17.91 20.42
C ALA D 78 -6.77 16.58 20.62
N SER D 79 -6.15 15.48 20.21
CA SER D 79 -6.74 14.15 20.34
C SER D 79 -6.15 13.47 21.58
N ILE D 80 -6.99 13.19 22.56
CA ILE D 80 -6.58 12.54 23.80
C ILE D 80 -7.54 11.40 24.09
N SER D 81 -7.01 10.34 24.70
CA SER D 81 -7.82 9.17 25.04
C SER D 81 -7.39 8.64 26.40
N TYR D 82 -8.35 8.12 27.16
CA TYR D 82 -8.10 7.53 28.46
C TYR D 82 -8.81 6.19 28.56
N THR D 83 -8.23 5.29 29.34
CA THR D 83 -8.85 3.98 29.57
C THR D 83 -10.06 4.14 30.48
N GLY D 84 -11.09 3.34 30.20
CA GLY D 84 -12.33 3.44 30.96
C GLY D 84 -12.13 3.25 32.46
N SER D 85 -11.11 2.48 32.85
CA SER D 85 -10.89 2.23 34.27
C SER D 85 -10.52 3.50 35.01
N VAL D 86 -9.84 4.44 34.34
CA VAL D 86 -9.40 5.69 34.94
C VAL D 86 -10.01 6.90 34.24
N LYS D 87 -10.87 6.68 33.25
CA LYS D 87 -11.48 7.79 32.52
C LYS D 87 -12.32 8.64 33.47
N GLY D 88 -11.99 9.93 33.54
CA GLY D 88 -12.71 10.87 34.38
C GLY D 88 -11.90 11.45 35.52
N ARG D 89 -10.70 10.95 35.79
CA ARG D 89 -9.87 11.45 36.88
C ARG D 89 -8.41 11.68 36.49
N PHE D 90 -7.98 11.25 35.31
CA PHE D 90 -6.62 11.46 34.84
C PHE D 90 -6.61 12.49 33.73
N THR D 91 -5.55 13.31 33.69
CA THR D 91 -5.42 14.35 32.69
C THR D 91 -3.98 14.34 32.15
N ILE D 92 -3.83 14.05 30.87
CA ILE D 92 -2.53 14.01 30.22
C ILE D 92 -2.34 15.28 29.40
N SER D 93 -1.11 15.76 29.34
CA SER D 93 -0.81 16.98 28.61
C SER D 93 0.65 16.95 28.16
N ARG D 94 0.95 17.77 27.16
CA ARG D 94 2.28 17.87 26.58
C ARG D 94 2.78 19.30 26.65
N ASP D 95 4.11 19.44 26.64
CA ASP D 95 4.75 20.75 26.64
C ASP D 95 5.91 20.67 25.63
N ASN D 96 5.68 21.22 24.43
CA ASN D 96 6.72 21.19 23.40
C ASN D 96 7.82 22.21 23.67
N ALA D 97 7.49 23.33 24.32
CA ALA D 97 8.50 24.32 24.66
C ALA D 97 9.59 23.71 25.54
N LYS D 98 9.25 22.67 26.31
CA LYS D 98 10.20 21.96 27.14
C LYS D 98 10.28 20.48 26.83
N ASN D 99 9.44 19.96 25.94
CA ASN D 99 9.43 18.55 25.59
C ASN D 99 9.22 17.69 26.84
N THR D 100 8.06 17.90 27.47
CA THR D 100 7.73 17.20 28.71
C THR D 100 6.31 16.66 28.61
N LEU D 101 6.08 15.50 29.23
CA LEU D 101 4.77 14.86 29.28
C LEU D 101 4.28 14.88 30.72
N TYR D 102 3.18 15.58 30.98
CA TYR D 102 2.62 15.72 32.32
C TYR D 102 1.36 14.86 32.43
N LEU D 103 1.18 14.26 33.61
CA LEU D 103 0.02 13.41 33.89
C LEU D 103 -0.46 13.72 35.30
N GLN D 104 -1.62 14.35 35.42
CA GLN D 104 -2.23 14.64 36.70
C GLN D 104 -3.25 13.55 37.03
N MET D 105 -3.04 12.88 38.16
CA MET D 105 -3.91 11.79 38.60
C MET D 105 -4.59 12.21 39.89
N ASN D 106 -5.92 12.12 39.92
CA ASN D 106 -6.71 12.46 41.08
C ASN D 106 -7.62 11.30 41.44
N SER D 107 -8.20 11.37 42.64
CA SER D 107 -9.10 10.34 43.13
C SER D 107 -8.41 8.97 43.12
N LEU D 108 -7.18 8.95 43.61
CA LEU D 108 -6.40 7.72 43.61
C LEU D 108 -7.08 6.66 44.49
N LYS D 109 -6.89 5.40 44.10
CA LYS D 109 -7.46 4.25 44.80
C LYS D 109 -6.40 3.18 44.93
N PRO D 110 -6.60 2.20 45.82
CA PRO D 110 -5.60 1.13 45.97
C PRO D 110 -5.29 0.40 44.67
N GLU D 111 -6.19 0.44 43.69
CA GLU D 111 -5.95 -0.25 42.43
C GLU D 111 -4.88 0.44 41.60
N ASP D 112 -4.58 1.71 41.87
CA ASP D 112 -3.60 2.45 41.09
C ASP D 112 -2.17 2.13 41.46
N THR D 113 -1.93 1.32 42.50
CA THR D 113 -0.58 0.95 42.89
C THR D 113 0.09 0.16 41.78
N ALA D 114 1.10 0.75 41.14
CA ALA D 114 1.74 0.11 39.99
C ALA D 114 2.90 0.99 39.54
N VAL D 115 3.67 0.47 38.59
CA VAL D 115 4.77 1.21 37.96
C VAL D 115 4.24 1.79 36.66
N TYR D 116 4.28 3.12 36.54
CA TYR D 116 3.80 3.83 35.36
C TYR D 116 4.97 4.11 34.42
N TYR D 117 4.81 3.75 33.15
CA TYR D 117 5.80 3.98 32.12
C TYR D 117 5.21 4.87 31.03
N CYS D 118 6.10 5.51 30.27
CA CYS D 118 5.73 6.36 29.16
C CYS D 118 6.33 5.80 27.88
N ALA D 119 5.48 5.51 26.90
CA ALA D 119 5.90 4.96 25.63
C ALA D 119 5.70 5.99 24.51
N ARG D 120 6.56 5.90 23.50
CA ARG D 120 6.51 6.78 22.34
C ARG D 120 6.25 5.94 21.10
N CYS D 121 5.42 6.48 20.21
CA CYS D 121 5.03 5.74 19.01
C CYS D 121 6.29 5.36 18.21
N PRO D 122 6.26 4.24 17.49
CA PRO D 122 7.46 3.82 16.75
C PRO D 122 7.86 4.79 15.67
N ALA D 123 6.92 5.21 14.81
CA ALA D 123 7.21 6.12 13.72
C ALA D 123 6.48 7.44 13.91
N PRO D 124 7.04 8.55 13.43
CA PRO D 124 6.38 9.84 13.60
C PRO D 124 5.25 10.04 12.61
N PHE D 125 4.33 10.94 12.98
CA PHE D 125 3.18 11.29 12.14
C PHE D 125 2.31 10.06 11.85
N THR D 126 2.23 9.14 12.80
CA THR D 126 1.43 7.93 12.67
C THR D 126 0.41 7.88 13.80
N ARG D 127 -0.84 7.55 13.45
CA ARG D 127 -1.89 7.45 14.46
C ARG D 127 -1.77 6.16 15.25
N ASP D 128 -1.47 5.06 14.58
CA ASP D 128 -1.32 3.78 15.27
C ASP D 128 -0.04 3.76 16.09
N CYS D 129 -0.10 3.09 17.24
CA CYS D 129 1.03 2.96 18.16
C CYS D 129 1.13 1.49 18.57
N PHE D 130 1.91 0.72 17.81
CA PHE D 130 2.08 -0.70 18.07
C PHE D 130 3.20 -0.93 19.08
N ASP D 131 3.14 -2.08 19.75
CA ASP D 131 4.14 -2.54 20.71
C ASP D 131 4.25 -1.64 21.93
N VAL D 132 3.29 -0.74 22.15
CA VAL D 132 3.35 0.13 23.32
C VAL D 132 3.18 -0.69 24.59
N THR D 133 2.41 -1.78 24.53
CA THR D 133 2.20 -2.66 25.68
C THR D 133 3.11 -3.88 25.63
N SER D 134 4.14 -3.85 24.80
CA SER D 134 5.06 -4.98 24.69
C SER D 134 6.01 -5.01 25.87
N THR D 135 6.36 -6.23 26.31
CA THR D 135 7.28 -6.37 27.44
C THR D 135 8.62 -5.72 27.15
N THR D 136 9.12 -5.88 25.92
CA THR D 136 10.40 -5.31 25.50
C THR D 136 10.12 -4.17 24.53
N TYR D 137 10.44 -2.94 24.94
CA TYR D 137 10.25 -1.77 24.11
C TYR D 137 11.39 -0.79 24.39
N ALA D 138 12.17 -0.49 23.35
CA ALA D 138 13.33 0.37 23.53
C ALA D 138 12.92 1.82 23.80
N TYR D 139 11.90 2.30 23.08
CA TYR D 139 11.44 3.68 23.23
C TYR D 139 10.46 3.78 24.40
N ARG D 140 11.00 3.57 25.60
CA ARG D 140 10.22 3.62 26.82
C ARG D 140 11.15 3.85 27.99
N GLY D 141 10.75 4.74 28.90
CA GLY D 141 11.55 5.05 30.05
C GLY D 141 11.51 3.94 31.08
N GLN D 142 12.09 4.25 32.25
CA GLN D 142 12.12 3.29 33.35
C GLN D 142 10.86 3.32 34.19
N GLY D 143 10.07 4.39 34.11
CA GLY D 143 8.83 4.48 34.85
C GLY D 143 9.04 4.81 36.31
N THR D 144 7.93 5.16 36.97
CA THR D 144 7.93 5.52 38.38
C THR D 144 6.90 4.68 39.12
N GLN D 145 7.26 4.25 40.33
CA GLN D 145 6.38 3.42 41.15
C GLN D 145 5.46 4.30 41.98
N VAL D 146 4.16 4.00 41.95
CA VAL D 146 3.16 4.70 42.75
C VAL D 146 2.47 3.67 43.63
N THR D 147 2.30 4.03 44.91
CA THR D 147 1.68 3.13 45.87
C THR D 147 0.69 3.64 46.93
N SER E 8 15.64 -8.43 35.87
CA SER E 8 16.89 -9.23 35.81
C SER E 8 18.12 -8.34 35.94
N ILE E 9 19.00 -8.68 36.88
CA ILE E 9 20.20 -7.89 37.10
C ILE E 9 21.39 -8.41 36.30
N ALA E 10 21.31 -9.64 35.79
CA ALA E 10 22.41 -10.17 34.98
C ALA E 10 22.59 -9.37 33.70
N GLN E 11 21.49 -8.97 33.06
CA GLN E 11 21.60 -8.16 31.85
C GLN E 11 22.26 -6.81 32.16
N ALA E 12 22.08 -6.31 33.39
CA ALA E 12 22.75 -5.07 33.77
C ALA E 12 24.27 -5.27 33.80
N ARG E 13 24.73 -6.37 34.38
CA ARG E 13 26.17 -6.65 34.38
C ARG E 13 26.69 -6.84 32.96
N LYS E 14 25.92 -7.53 32.12
CA LYS E 14 26.34 -7.72 30.73
C LYS E 14 26.46 -6.39 30.01
N LEU E 15 25.49 -5.49 30.19
CA LEU E 15 25.55 -4.19 29.54
C LEU E 15 26.71 -3.37 30.08
N VAL E 16 26.97 -3.45 31.39
CA VAL E 16 28.11 -2.72 31.95
C VAL E 16 29.41 -3.23 31.36
N GLU E 17 29.55 -4.55 31.24
CA GLU E 17 30.77 -5.11 30.66
C GLU E 17 30.92 -4.68 29.19
N GLN E 18 29.83 -4.71 28.43
CA GLN E 18 29.90 -4.29 27.03
C GLN E 18 30.29 -2.83 26.92
N LEU E 19 29.70 -1.97 27.75
CA LEU E 19 30.05 -0.55 27.71
C LEU E 19 31.51 -0.33 28.08
N LYS E 20 32.00 -1.06 29.09
CA LYS E 20 33.41 -0.92 29.48
C LYS E 20 34.32 -1.38 28.36
N MET E 21 33.95 -2.45 27.66
CA MET E 21 34.76 -2.93 26.54
C MET E 21 34.73 -1.96 25.37
N GLU E 22 33.61 -1.29 25.15
CA GLU E 22 33.47 -0.33 24.06
C GLU E 22 33.92 1.07 24.42
N ALA E 23 34.14 1.35 25.71
CA ALA E 23 34.53 2.67 26.16
C ALA E 23 36.05 2.88 26.18
N ASN E 24 36.82 1.91 25.71
CA ASN E 24 38.28 1.99 25.72
C ASN E 24 38.85 1.59 24.36
N ILE E 25 38.25 2.10 23.29
CA ILE E 25 38.70 1.82 21.94
C ILE E 25 39.38 3.07 21.38
N ASP E 26 40.30 2.85 20.45
CA ASP E 26 41.03 3.93 19.80
C ASP E 26 40.12 4.63 18.79
N ARG E 27 39.83 5.91 19.03
CA ARG E 27 38.96 6.69 18.17
C ARG E 27 39.76 7.83 17.56
N ILE E 28 39.66 7.99 16.24
CA ILE E 28 40.36 9.04 15.51
C ILE E 28 39.43 10.23 15.35
N LYS E 29 40.05 11.42 15.22
CA LYS E 29 39.28 12.64 15.07
C LYS E 29 38.39 12.56 13.83
N VAL E 30 37.29 13.33 13.85
CA VAL E 30 36.37 13.35 12.73
C VAL E 30 37.03 13.94 11.49
N SER E 31 38.01 14.84 11.68
CA SER E 31 38.66 15.46 10.54
C SER E 31 39.38 14.44 9.68
N LYS E 32 40.10 13.51 10.31
CA LYS E 32 40.83 12.51 9.54
C LYS E 32 39.87 11.57 8.81
N ALA E 33 38.75 11.22 9.45
CA ALA E 33 37.77 10.38 8.78
C ALA E 33 37.16 11.08 7.58
N ALA E 34 36.84 12.37 7.72
CA ALA E 34 36.31 13.13 6.61
C ALA E 34 37.33 13.22 5.47
N ALA E 35 38.60 13.45 5.81
CA ALA E 35 39.64 13.51 4.79
C ALA E 35 39.78 12.17 4.07
N ASP E 36 39.72 11.07 4.82
CA ASP E 36 39.83 9.75 4.22
C ASP E 36 38.67 9.50 3.26
N LEU E 37 37.45 9.83 3.70
CA LEU E 37 36.29 9.66 2.83
C LEU E 37 36.41 10.50 1.57
N MET E 38 36.85 11.76 1.71
CA MET E 38 37.01 12.63 0.55
C MET E 38 38.04 12.05 -0.41
N ALA E 39 39.19 11.60 0.12
CA ALA E 39 40.23 11.04 -0.75
C ALA E 39 39.74 9.78 -1.45
N TYR E 40 39.00 8.92 -0.74
CA TYR E 40 38.49 7.71 -1.36
C TYR E 40 37.49 8.02 -2.46
N CYS E 41 36.61 9.00 -2.23
CA CYS E 41 35.64 9.36 -3.25
C CYS E 41 36.30 10.03 -4.45
N GLU E 42 37.38 10.77 -4.21
CA GLU E 42 38.08 11.44 -5.31
C GLU E 42 38.94 10.48 -6.10
N ALA E 43 39.41 9.40 -5.47
CA ALA E 43 40.26 8.45 -6.17
C ALA E 43 39.46 7.56 -7.12
N HIS E 44 38.26 7.17 -6.72
CA HIS E 44 37.40 6.30 -7.52
C HIS E 44 36.29 7.05 -8.23
N ALA E 45 36.38 8.38 -8.31
CA ALA E 45 35.34 9.15 -8.96
C ALA E 45 35.23 8.81 -10.44
N LYS E 46 36.37 8.53 -11.09
CA LYS E 46 36.35 8.22 -12.51
C LYS E 46 35.84 6.81 -12.77
N GLU E 47 36.04 5.89 -11.81
CA GLU E 47 35.59 4.51 -11.96
C GLU E 47 34.12 4.32 -11.57
N ASP E 48 33.37 5.41 -11.43
CA ASP E 48 31.96 5.33 -11.04
C ASP E 48 31.08 5.67 -12.25
N PRO E 49 30.48 4.67 -12.91
CA PRO E 49 29.61 4.99 -14.06
C PRO E 49 28.45 5.90 -13.70
N LEU E 50 27.87 5.75 -12.51
CA LEU E 50 26.74 6.58 -12.12
C LEU E 50 27.17 8.04 -11.98
N LEU E 51 28.26 8.29 -11.24
CA LEU E 51 28.76 9.64 -11.08
C LEU E 51 29.46 10.16 -12.33
N THR E 52 29.97 9.27 -13.17
CA THR E 52 30.66 9.63 -14.41
C THR E 52 29.91 9.00 -15.58
N PRO E 53 28.87 9.67 -16.08
CA PRO E 53 28.12 9.11 -17.21
C PRO E 53 29.03 8.85 -18.41
N VAL E 54 28.96 7.64 -18.95
CA VAL E 54 29.77 7.22 -20.08
C VAL E 54 28.94 7.23 -21.36
N PRO E 55 29.59 7.25 -22.52
CA PRO E 55 28.85 7.24 -23.79
C PRO E 55 27.99 5.99 -23.92
N ALA E 56 27.15 6.00 -24.95
CA ALA E 56 26.26 4.86 -25.23
C ALA E 56 26.93 3.84 -26.14
N SER E 57 28.15 3.42 -25.75
CA SER E 57 28.88 2.40 -26.49
C SER E 57 29.50 1.35 -25.59
N GLU E 58 29.59 1.59 -24.28
CA GLU E 58 30.12 0.61 -23.34
C GLU E 58 29.11 0.19 -22.28
N ASN E 59 27.92 0.78 -22.25
CA ASN E 59 26.90 0.42 -21.27
C ASN E 59 26.32 -0.92 -21.66
N PRO E 60 26.52 -1.99 -20.88
CA PRO E 60 26.00 -3.30 -21.30
C PRO E 60 24.49 -3.39 -21.34
N PHE E 61 23.79 -2.43 -20.77
CA PHE E 61 22.32 -2.46 -20.73
C PHE E 61 21.67 -1.94 -22.00
N ARG E 62 22.41 -1.75 -23.09
CA ARG E 62 21.83 -1.31 -24.36
C ARG E 62 21.88 -2.18 -25.61
N LYS F 3 -29.43 15.82 -39.14
CA LYS F 3 -29.14 16.79 -38.04
C LYS F 3 -29.66 18.14 -38.55
N PHE F 5 -33.30 20.67 -39.94
CA PHE F 5 -34.73 20.56 -39.65
C PHE F 5 -35.48 19.62 -40.64
#